data_6P5L
#
_entry.id   6P5L
#
_cell.length_a   165.452
_cell.length_b   165.452
_cell.length_c   110.900
_cell.angle_alpha   90.000
_cell.angle_beta   90.000
_cell.angle_gamma   90.000
#
_symmetry.space_group_name_H-M   'P 42 21 2'
#
loop_
_entity.id
_entity.type
_entity.pdbx_description
1 polymer 'Ubiquitin carboxyl-terminal hydrolase 7'
2 polymer PRO-ARG-LYS-LYS-LYS-ARG-LYS-HIS
#
loop_
_entity_poly.entity_id
_entity_poly.type
_entity_poly.pdbx_seq_one_letter_code
_entity_poly.pdbx_strand_id
1 'polypeptide(L)'
;DIPQQLVERLQEEKRIEAQKRKERQEAHLYMQVQIVAEDQFCGHQGNDMYDEEKVKYTVFKVLKNSSLAEFVQSLSQTMG
FPQDQIRLWPMQARSNGTKRPAMLDNEADGNKTMIELSDNENPWTIFLETVDPELAASGATLPKFDKDHDVMLFLKMYDP
KTRSLNYCGHIYTPISCKIRDLLPVMCDRAGFIQDTSLILYEEVKPNLTERIQDYDVSLDKALDELMDGDIIVFQKDDPE
NDNSELPTAKEYFRDLYHRVDVIFCDKTIPNDPGFVVTLSNRMNYFQVAKTVAQRLNTDPMLLQFFKSQGYRDGPGNPLR
HNYEGTLRDLLQFFKPRQPKKLYYQQLKMKITDFEN
;
A,B
2 'polypeptide(L)' PRKKKRKH D
#
# COMPACT_ATOMS: atom_id res chain seq x y z
N ARG A 9 -48.56 -56.88 10.38
CA ARG A 9 -47.66 -55.97 11.08
C ARG A 9 -47.84 -54.52 10.61
N LEU A 10 -49.05 -54.12 10.19
CA LEU A 10 -49.30 -52.70 10.01
C LEU A 10 -49.96 -52.06 11.20
N GLN A 11 -50.69 -52.86 11.98
CA GLN A 11 -51.24 -52.38 13.24
C GLN A 11 -50.16 -51.92 14.21
N GLU A 12 -48.87 -52.23 13.96
CA GLU A 12 -47.82 -51.52 14.70
C GLU A 12 -47.73 -50.07 14.31
N GLU A 13 -48.55 -49.63 13.38
CA GLU A 13 -48.63 -48.25 13.00
C GLU A 13 -49.86 -47.55 13.50
N LYS A 14 -50.68 -48.23 14.27
CA LYS A 14 -51.61 -47.49 15.10
C LYS A 14 -50.96 -46.91 16.33
N ARG A 15 -49.65 -46.90 16.50
CA ARG A 15 -49.12 -46.45 17.76
C ARG A 15 -48.12 -45.35 17.57
N ILE A 16 -47.92 -44.93 16.32
CA ILE A 16 -47.04 -43.84 15.97
C ILE A 16 -47.75 -42.53 16.21
N GLU A 17 -49.03 -42.52 15.88
CA GLU A 17 -49.96 -41.48 16.24
C GLU A 17 -50.58 -41.70 17.62
N ALA A 18 -50.40 -42.87 18.22
CA ALA A 18 -50.79 -42.96 19.62
C ALA A 18 -49.68 -42.50 20.55
N GLN A 19 -48.60 -41.93 20.04
CA GLN A 19 -47.68 -41.21 20.89
C GLN A 19 -47.40 -39.85 20.30
N LYS A 20 -47.66 -39.68 19.01
CA LYS A 20 -47.73 -38.36 18.43
C LYS A 20 -48.86 -37.54 19.04
N ARG A 21 -49.72 -38.16 19.84
CA ARG A 21 -50.67 -37.45 20.69
C ARG A 21 -50.39 -37.66 22.16
N LYS A 22 -50.31 -38.92 22.60
CA LYS A 22 -50.02 -39.22 24.01
C LYS A 22 -48.83 -38.42 24.52
N GLU A 23 -47.89 -38.09 23.64
CA GLU A 23 -46.80 -37.22 24.07
C GLU A 23 -47.14 -35.75 23.87
N ARG A 24 -47.80 -35.40 22.76
CA ARG A 24 -48.29 -34.04 22.60
C ARG A 24 -49.23 -33.65 23.74
N GLN A 25 -50.01 -34.62 24.25
CA GLN A 25 -50.91 -34.32 25.35
C GLN A 25 -50.17 -34.18 26.66
N GLU A 26 -49.28 -35.13 26.97
CA GLU A 26 -48.60 -35.09 28.26
C GLU A 26 -47.51 -34.03 28.34
N ALA A 27 -47.11 -33.44 27.20
CA ALA A 27 -45.98 -32.52 27.16
C ALA A 27 -45.95 -31.55 28.34
N HIS A 28 -47.12 -31.01 28.72
CA HIS A 28 -47.17 -30.11 29.87
C HIS A 28 -46.65 -30.77 31.14
N LEU A 29 -46.56 -32.09 31.15
CA LEU A 29 -46.13 -32.78 32.35
C LEU A 29 -44.62 -32.80 32.47
N TYR A 30 -43.90 -32.50 31.39
CA TYR A 30 -42.47 -32.71 31.32
C TYR A 30 -41.74 -31.41 31.05
N MET A 31 -40.47 -31.39 31.42
CA MET A 31 -39.56 -30.29 31.13
C MET A 31 -38.34 -30.84 30.41
N GLN A 32 -37.54 -29.93 29.86
CA GLN A 32 -36.35 -30.26 29.09
C GLN A 32 -35.13 -29.76 29.86
N VAL A 33 -34.39 -30.69 30.47
CA VAL A 33 -33.17 -30.37 31.18
C VAL A 33 -32.00 -30.54 30.22
N GLN A 34 -31.29 -29.46 29.97
CA GLN A 34 -30.23 -29.41 28.96
C GLN A 34 -28.88 -29.41 29.68
N ILE A 35 -28.28 -30.59 29.81
CA ILE A 35 -26.96 -30.72 30.44
C ILE A 35 -25.87 -30.26 29.48
N VAL A 36 -24.90 -29.52 30.02
CA VAL A 36 -23.66 -29.19 29.32
C VAL A 36 -22.49 -29.70 30.15
N ALA A 37 -21.54 -30.36 29.49
CA ALA A 37 -20.34 -30.87 30.13
C ALA A 37 -19.17 -29.93 29.84
N GLU A 38 -18.16 -29.98 30.72
CA GLU A 38 -17.17 -28.92 30.71
C GLU A 38 -16.40 -28.88 29.41
N ASP A 39 -16.35 -30.01 28.69
CA ASP A 39 -15.56 -30.05 27.49
C ASP A 39 -16.10 -29.07 26.46
N GLN A 40 -17.41 -28.85 26.47
CA GLN A 40 -18.00 -27.96 25.50
C GLN A 40 -17.54 -26.53 25.68
N PHE A 41 -16.74 -26.26 26.71
CA PHE A 41 -16.23 -24.93 26.97
C PHE A 41 -14.93 -24.64 26.24
N CYS A 42 -14.20 -25.69 25.85
CA CYS A 42 -12.95 -25.49 25.13
C CYS A 42 -13.19 -24.85 23.78
N GLY A 43 -12.33 -23.90 23.42
CA GLY A 43 -12.38 -23.26 22.15
C GLY A 43 -13.25 -22.03 22.09
N HIS A 44 -14.33 -21.99 22.88
CA HIS A 44 -15.24 -20.85 22.88
C HIS A 44 -14.47 -19.53 22.96
N GLN A 45 -14.73 -18.66 22.00
CA GLN A 45 -13.98 -17.42 21.86
C GLN A 45 -14.70 -16.19 22.39
N GLY A 46 -15.99 -16.31 22.75
CA GLY A 46 -16.76 -15.17 23.19
C GLY A 46 -16.79 -15.02 24.70
N ASN A 47 -17.80 -14.30 25.17
CA ASN A 47 -18.01 -14.11 26.60
C ASN A 47 -18.64 -15.38 27.19
N ASP A 48 -18.83 -15.35 28.52
CA ASP A 48 -19.45 -16.44 29.27
C ASP A 48 -18.84 -17.79 28.89
N MET A 49 -19.55 -18.91 29.10
CA MET A 49 -18.83 -20.18 28.99
C MET A 49 -18.93 -20.83 27.62
N TYR A 50 -20.07 -20.70 26.93
CA TYR A 50 -20.21 -21.31 25.61
C TYR A 50 -20.96 -20.35 24.68
N ASP A 51 -21.63 -20.90 23.67
CA ASP A 51 -22.46 -20.14 22.74
C ASP A 51 -23.71 -20.97 22.45
N GLU A 52 -24.87 -20.49 22.94
CA GLU A 52 -26.11 -21.27 22.90
C GLU A 52 -26.39 -21.85 21.51
N GLU A 53 -25.87 -21.24 20.45
CA GLU A 53 -26.13 -21.73 19.10
C GLU A 53 -25.16 -22.81 18.68
N LYS A 54 -23.90 -22.72 19.10
CA LYS A 54 -22.88 -23.70 18.80
C LYS A 54 -22.69 -24.73 19.92
N VAL A 55 -23.27 -24.48 21.09
CA VAL A 55 -23.25 -25.46 22.17
C VAL A 55 -24.04 -26.71 21.80
N LYS A 56 -23.65 -27.83 22.42
CA LYS A 56 -24.26 -29.13 22.20
C LYS A 56 -24.60 -29.76 23.55
N TYR A 57 -25.87 -30.13 23.73
CA TYR A 57 -26.36 -30.55 25.03
C TYR A 57 -26.62 -32.05 25.03
N THR A 58 -26.70 -32.61 26.24
CA THR A 58 -27.25 -33.93 26.48
C THR A 58 -28.61 -33.74 27.13
N VAL A 59 -29.66 -34.05 26.39
CA VAL A 59 -30.99 -33.56 26.70
C VAL A 59 -31.73 -34.60 27.53
N PHE A 60 -32.57 -34.14 28.44
CA PHE A 60 -33.28 -35.02 29.37
C PHE A 60 -34.73 -34.57 29.46
N LYS A 61 -35.65 -35.43 29.02
CA LYS A 61 -37.08 -35.20 29.21
C LYS A 61 -37.43 -35.69 30.60
N VAL A 62 -37.57 -34.77 31.54
CA VAL A 62 -37.71 -35.13 32.93
C VAL A 62 -39.07 -34.62 33.40
N LEU A 63 -39.66 -35.34 34.35
CA LEU A 63 -41.02 -35.07 34.75
C LEU A 63 -41.05 -33.74 35.50
N LYS A 64 -41.91 -32.80 35.08
CA LYS A 64 -41.96 -31.52 35.79
C LYS A 64 -41.88 -31.70 37.30
N ASN A 65 -42.75 -32.53 37.89
CA ASN A 65 -42.73 -32.61 39.34
C ASN A 65 -41.86 -33.76 39.83
N SER A 66 -40.93 -34.21 39.00
CA SER A 66 -39.96 -35.20 39.42
C SER A 66 -39.09 -34.66 40.55
N SER A 67 -38.25 -35.54 41.10
CA SER A 67 -37.38 -35.22 42.22
C SER A 67 -35.97 -34.96 41.71
N LEU A 68 -35.15 -34.31 42.54
CA LEU A 68 -33.78 -34.13 42.08
C LEU A 68 -32.96 -35.39 42.28
N ALA A 69 -33.11 -36.07 43.42
CA ALA A 69 -32.42 -37.34 43.62
C ALA A 69 -32.70 -38.30 42.46
N GLU A 70 -33.97 -38.43 42.09
CA GLU A 70 -34.35 -39.04 40.81
C GLU A 70 -33.57 -38.52 39.60
N PHE A 71 -33.31 -37.21 39.44
CA PHE A 71 -32.53 -36.82 38.26
C PHE A 71 -31.09 -37.33 38.36
N VAL A 72 -30.42 -37.09 39.49
CA VAL A 72 -29.03 -37.51 39.67
C VAL A 72 -28.89 -39.00 39.38
N GLN A 73 -29.81 -39.81 39.92
CA GLN A 73 -29.87 -41.23 39.62
C GLN A 73 -29.96 -41.47 38.11
N SER A 74 -31.03 -40.97 37.48
CA SER A 74 -31.15 -41.06 36.03
C SER A 74 -29.92 -40.51 35.33
N LEU A 75 -29.32 -39.46 35.89
CA LEU A 75 -28.22 -38.78 35.22
C LEU A 75 -26.96 -39.62 35.28
N SER A 76 -26.49 -39.91 36.50
CA SER A 76 -25.43 -40.85 36.78
C SER A 76 -25.50 -42.09 35.89
N GLN A 77 -26.71 -42.63 35.74
CA GLN A 77 -26.85 -43.83 34.92
C GLN A 77 -26.61 -43.49 33.46
N THR A 78 -27.45 -42.61 32.92
CA THR A 78 -27.48 -42.35 31.49
C THR A 78 -26.10 -41.93 30.96
N MET A 79 -25.40 -41.10 31.71
CA MET A 79 -24.10 -40.65 31.22
C MET A 79 -22.96 -41.50 31.75
N GLY A 80 -23.19 -42.31 32.78
CA GLY A 80 -22.20 -43.26 33.23
C GLY A 80 -21.23 -42.68 34.24
N PHE A 81 -21.74 -42.29 35.41
CA PHE A 81 -20.90 -41.73 36.46
C PHE A 81 -21.49 -42.15 37.79
N PRO A 82 -20.71 -42.05 38.88
CA PRO A 82 -21.28 -42.33 40.21
C PRO A 82 -22.07 -41.15 40.71
N GLN A 83 -23.39 -41.34 40.86
CA GLN A 83 -24.32 -40.43 41.52
C GLN A 83 -23.74 -39.64 42.70
N ASP A 84 -22.50 -39.92 43.10
CA ASP A 84 -21.83 -39.15 44.14
C ASP A 84 -20.48 -38.58 43.73
N GLN A 85 -20.05 -38.74 42.48
CA GLN A 85 -18.73 -38.20 42.19
C GLN A 85 -18.86 -37.16 41.08
N ILE A 86 -19.85 -36.27 41.20
CA ILE A 86 -20.17 -35.28 40.17
C ILE A 86 -20.94 -34.15 40.81
N ARG A 87 -21.02 -33.02 40.11
CA ARG A 87 -21.68 -31.85 40.65
C ARG A 87 -22.57 -31.19 39.61
N LEU A 88 -23.74 -30.74 40.05
CA LEU A 88 -24.68 -29.99 39.22
C LEU A 88 -24.71 -28.52 39.59
N TRP A 89 -24.20 -27.72 38.66
CA TRP A 89 -24.21 -26.26 38.66
C TRP A 89 -25.22 -25.80 37.63
N PRO A 90 -26.46 -25.48 38.04
CA PRO A 90 -27.44 -24.97 37.08
C PRO A 90 -26.96 -23.68 36.44
N MET A 91 -26.99 -23.65 35.11
CA MET A 91 -26.75 -22.39 34.42
C MET A 91 -27.87 -21.41 34.77
N GLN A 92 -27.50 -20.14 34.88
CA GLN A 92 -28.38 -19.12 35.44
C GLN A 92 -28.11 -17.80 34.74
N ALA A 93 -29.13 -17.28 34.06
CA ALA A 93 -29.02 -15.98 33.41
C ALA A 93 -29.15 -14.88 34.45
N ARG A 94 -28.31 -13.85 34.32
CA ARG A 94 -28.27 -12.74 35.26
C ARG A 94 -28.72 -11.45 34.61
N SER A 95 -28.95 -10.45 35.47
CA SER A 95 -29.46 -9.16 35.02
C SER A 95 -28.52 -8.47 34.06
N ASN A 96 -27.23 -8.79 34.10
CA ASN A 96 -26.23 -8.16 33.25
C ASN A 96 -26.05 -8.88 31.92
N GLY A 97 -27.07 -9.60 31.46
CA GLY A 97 -26.97 -10.28 30.19
C GLY A 97 -25.94 -11.39 30.15
N THR A 98 -25.73 -12.05 31.28
CA THR A 98 -24.74 -13.12 31.41
C THR A 98 -25.36 -14.35 32.04
N LYS A 99 -25.08 -15.51 31.45
CA LYS A 99 -25.48 -16.82 31.94
C LYS A 99 -24.24 -17.58 32.40
N ARG A 100 -24.16 -17.87 33.69
CA ARG A 100 -23.03 -18.50 34.34
C ARG A 100 -23.53 -19.60 35.27
N PRO A 101 -22.70 -20.60 35.56
CA PRO A 101 -23.10 -21.64 36.52
C PRO A 101 -23.36 -21.06 37.90
N ALA A 102 -24.37 -21.61 38.58
CA ALA A 102 -24.75 -21.18 39.92
C ALA A 102 -24.83 -22.41 40.81
N MET A 103 -24.76 -22.20 42.14
CA MET A 103 -24.83 -23.35 43.01
C MET A 103 -26.17 -24.06 42.97
N LEU A 104 -26.13 -25.29 43.49
CA LEU A 104 -27.30 -26.08 43.82
C LEU A 104 -26.99 -26.99 45.00
N ASP A 105 -27.82 -26.93 46.07
CA ASP A 105 -27.86 -27.97 47.09
C ASP A 105 -28.22 -29.33 46.52
N ASN A 106 -27.24 -30.22 46.50
CA ASN A 106 -27.43 -31.56 45.99
C ASN A 106 -28.04 -32.48 47.05
N GLU A 107 -28.41 -31.96 48.22
CA GLU A 107 -29.15 -32.68 49.25
C GLU A 107 -30.27 -31.86 49.89
N ALA A 108 -30.06 -30.56 50.14
CA ALA A 108 -31.12 -29.79 50.79
C ALA A 108 -32.15 -29.32 49.78
N ASP A 109 -31.75 -28.52 48.80
CA ASP A 109 -32.66 -28.21 47.69
C ASP A 109 -32.91 -29.46 46.87
N GLY A 110 -32.81 -30.62 47.50
CA GLY A 110 -33.13 -31.91 46.90
C GLY A 110 -34.42 -32.56 47.34
N ASN A 111 -35.05 -32.25 48.49
CA ASN A 111 -36.50 -32.36 48.68
C ASN A 111 -37.43 -31.64 47.78
N LYS A 112 -37.02 -31.10 46.65
CA LYS A 112 -38.03 -30.30 45.91
C LYS A 112 -38.30 -30.98 44.58
N THR A 113 -39.42 -30.60 43.98
CA THR A 113 -39.69 -30.95 42.60
C THR A 113 -38.77 -30.21 41.65
N MET A 114 -38.39 -30.95 40.60
CA MET A 114 -37.43 -30.51 39.61
C MET A 114 -37.85 -29.20 38.95
N ILE A 115 -39.15 -29.01 38.75
CA ILE A 115 -39.61 -27.85 38.02
C ILE A 115 -39.33 -26.59 38.81
N GLU A 116 -39.44 -26.67 40.14
CA GLU A 116 -39.26 -25.45 40.90
C GLU A 116 -37.79 -25.12 41.09
N LEU A 117 -36.90 -26.12 41.02
CA LEU A 117 -35.48 -25.81 41.09
C LEU A 117 -35.06 -25.04 39.85
N SER A 118 -35.72 -25.39 38.74
CA SER A 118 -35.66 -24.68 37.48
C SER A 118 -36.25 -23.28 37.55
N ASP A 119 -36.95 -22.92 38.64
CA ASP A 119 -37.66 -21.64 38.73
C ASP A 119 -38.63 -21.47 37.55
N ASN A 120 -39.48 -22.48 37.37
CA ASN A 120 -40.44 -22.52 36.26
C ASN A 120 -39.78 -22.26 34.90
N GLU A 121 -38.49 -22.58 34.75
CA GLU A 121 -37.76 -22.36 33.51
C GLU A 121 -37.63 -23.67 32.74
N ASN A 122 -38.15 -23.70 31.51
CA ASN A 122 -37.96 -24.83 30.59
C ASN A 122 -37.77 -24.35 29.16
N PRO A 123 -36.65 -24.72 28.50
CA PRO A 123 -35.67 -25.69 29.02
C PRO A 123 -34.79 -25.19 30.18
N TRP A 124 -34.15 -26.13 30.90
CA TRP A 124 -33.30 -25.83 32.04
C TRP A 124 -31.90 -26.37 31.79
N THR A 125 -30.95 -25.47 31.51
CA THR A 125 -29.56 -25.84 31.31
C THR A 125 -28.79 -25.92 32.62
N ILE A 126 -27.92 -26.92 32.72
CA ILE A 126 -27.20 -27.23 33.95
C ILE A 126 -25.79 -27.68 33.58
N PHE A 127 -24.79 -27.00 34.12
CA PHE A 127 -23.40 -27.42 33.93
C PHE A 127 -23.15 -28.70 34.72
N LEU A 128 -22.65 -29.73 34.04
CA LEU A 128 -22.33 -31.00 34.67
C LEU A 128 -20.84 -31.05 34.98
N GLU A 129 -20.52 -30.97 36.27
CA GLU A 129 -19.13 -31.13 36.68
C GLU A 129 -18.88 -32.58 37.00
N THR A 130 -17.88 -33.17 36.36
CA THR A 130 -17.46 -34.54 36.57
C THR A 130 -15.99 -34.52 36.97
N VAL A 131 -15.61 -35.39 37.90
CA VAL A 131 -14.18 -35.65 38.09
C VAL A 131 -13.53 -35.98 36.76
N ASP A 132 -12.34 -35.45 36.56
CA ASP A 132 -11.49 -35.76 35.42
C ASP A 132 -11.49 -37.26 35.13
N PRO A 133 -11.47 -37.65 33.86
CA PRO A 133 -11.56 -39.09 33.53
C PRO A 133 -10.32 -39.88 33.88
N GLU A 134 -9.12 -39.28 33.74
CA GLU A 134 -7.90 -39.85 34.28
C GLU A 134 -7.92 -40.00 35.79
N LEU A 135 -8.09 -38.89 36.53
CA LEU A 135 -8.03 -39.00 37.99
C LEU A 135 -8.94 -40.11 38.52
N ALA A 136 -9.86 -40.62 37.68
CA ALA A 136 -10.78 -41.69 38.07
C ALA A 136 -10.09 -42.82 38.83
N ALA A 137 -9.16 -43.52 38.17
CA ALA A 137 -8.51 -44.67 38.78
C ALA A 137 -7.90 -44.31 40.13
N SER A 138 -7.13 -43.20 40.16
CA SER A 138 -6.42 -42.65 41.31
C SER A 138 -7.15 -42.75 42.64
N GLY A 139 -8.38 -43.27 42.60
CA GLY A 139 -9.32 -43.10 43.69
C GLY A 139 -9.73 -41.65 43.84
N ALA A 140 -9.82 -40.91 42.74
CA ALA A 140 -10.15 -39.49 42.86
C ALA A 140 -11.64 -39.32 43.04
N THR A 141 -12.00 -38.57 44.06
CA THR A 141 -13.38 -38.20 44.31
C THR A 141 -13.51 -36.72 43.99
N LEU A 142 -14.74 -36.26 43.89
CA LEU A 142 -14.91 -34.87 43.58
C LEU A 142 -14.93 -34.11 44.88
N PRO A 143 -14.03 -33.14 45.07
CA PRO A 143 -13.73 -32.67 46.43
C PRO A 143 -14.92 -31.98 47.07
N LYS A 144 -14.96 -31.99 48.40
CA LYS A 144 -16.09 -31.35 49.09
C LYS A 144 -16.06 -29.85 48.84
N PHE A 145 -17.24 -29.23 48.94
CA PHE A 145 -17.42 -27.82 48.61
C PHE A 145 -18.27 -27.16 49.69
N ASP A 146 -17.67 -26.25 50.45
CA ASP A 146 -18.40 -25.51 51.46
C ASP A 146 -19.04 -24.30 50.79
N LYS A 147 -20.38 -24.30 50.71
CA LYS A 147 -21.10 -23.31 49.90
C LYS A 147 -21.09 -21.92 50.54
N ASP A 148 -20.16 -21.68 51.46
CA ASP A 148 -20.05 -20.40 52.14
C ASP A 148 -18.62 -19.86 52.18
N HIS A 149 -17.61 -20.74 52.21
CA HIS A 149 -16.23 -20.27 52.26
C HIS A 149 -15.41 -20.68 51.05
N ASP A 150 -16.01 -21.36 50.08
CA ASP A 150 -15.36 -21.73 48.84
C ASP A 150 -16.10 -21.11 47.66
N VAL A 151 -15.39 -20.98 46.53
CA VAL A 151 -15.98 -20.46 45.30
C VAL A 151 -15.40 -21.25 44.14
N MET A 152 -16.15 -21.33 43.04
CA MET A 152 -15.67 -21.96 41.82
C MET A 152 -15.39 -20.88 40.78
N LEU A 153 -14.11 -20.67 40.47
CA LEU A 153 -13.70 -19.74 39.44
C LEU A 153 -13.33 -20.49 38.17
N PHE A 154 -13.74 -19.94 37.03
CA PHE A 154 -13.32 -20.41 35.72
C PHE A 154 -12.19 -19.56 35.19
N LEU A 155 -11.26 -20.21 34.49
CA LEU A 155 -10.01 -19.58 34.05
C LEU A 155 -9.90 -19.66 32.54
N LYS A 156 -9.75 -18.51 31.90
CA LYS A 156 -9.47 -18.39 30.47
C LYS A 156 -8.13 -17.72 30.29
N MET A 157 -7.27 -18.29 29.44
CA MET A 157 -6.04 -17.61 29.07
C MET A 157 -6.29 -16.83 27.78
N TYR A 158 -5.80 -15.60 27.72
CA TYR A 158 -5.82 -14.86 26.46
C TYR A 158 -4.41 -14.85 25.86
N ASP A 159 -4.30 -15.25 24.58
CA ASP A 159 -3.10 -15.13 23.76
C ASP A 159 -3.25 -13.93 22.83
N PRO A 160 -2.60 -12.81 23.07
CA PRO A 160 -2.63 -11.72 22.08
C PRO A 160 -2.09 -12.13 20.73
N LYS A 161 -1.18 -13.10 20.69
CA LYS A 161 -0.51 -13.37 19.43
C LYS A 161 -1.47 -13.96 18.41
N THR A 162 -2.31 -14.90 18.84
CA THR A 162 -3.45 -15.36 18.05
C THR A 162 -4.72 -14.55 18.29
N ARG A 163 -4.74 -13.73 19.35
CA ARG A 163 -5.96 -13.00 19.69
C ARG A 163 -7.12 -13.96 19.94
N SER A 164 -6.81 -15.15 20.46
CA SER A 164 -7.82 -16.16 20.78
C SER A 164 -7.77 -16.50 22.27
N LEU A 165 -8.86 -17.07 22.74
CA LEU A 165 -9.02 -17.47 24.13
C LEU A 165 -8.82 -18.97 24.25
N ASN A 166 -8.04 -19.39 25.24
CA ASN A 166 -7.76 -20.80 25.48
C ASN A 166 -8.33 -21.15 26.86
N TYR A 167 -9.40 -21.96 26.86
CA TYR A 167 -10.02 -22.38 28.12
C TYR A 167 -8.99 -23.01 29.03
N CYS A 168 -9.08 -22.72 30.33
CA CYS A 168 -8.12 -23.26 31.29
C CYS A 168 -8.80 -23.90 32.50
N GLY A 169 -10.05 -24.30 32.39
CA GLY A 169 -10.67 -25.07 33.44
C GLY A 169 -11.29 -24.22 34.53
N HIS A 170 -11.41 -24.85 35.70
CA HIS A 170 -12.05 -24.26 36.85
C HIS A 170 -11.31 -24.75 38.08
N ILE A 171 -11.65 -24.16 39.22
CA ILE A 171 -10.95 -24.46 40.46
C ILE A 171 -11.84 -24.13 41.65
N TYR A 172 -11.93 -25.08 42.56
CA TYR A 172 -12.38 -24.84 43.92
C TYR A 172 -11.28 -24.13 44.71
N THR A 173 -11.61 -22.97 45.28
CA THR A 173 -10.66 -22.28 46.13
C THR A 173 -11.41 -21.59 47.25
N PRO A 174 -10.84 -21.58 48.46
CA PRO A 174 -11.44 -20.78 49.53
C PRO A 174 -11.35 -19.31 49.22
N ILE A 175 -12.35 -18.56 49.71
CA ILE A 175 -12.42 -17.13 49.43
C ILE A 175 -11.22 -16.41 50.01
N SER A 176 -10.82 -16.82 51.21
CA SER A 176 -9.71 -16.18 51.92
C SER A 176 -8.40 -16.22 51.15
N CYS A 177 -8.28 -17.12 50.17
CA CYS A 177 -7.03 -17.25 49.44
C CYS A 177 -6.85 -16.02 48.53
N LYS A 178 -5.60 -15.67 48.27
CA LYS A 178 -5.25 -14.43 47.60
C LYS A 178 -4.84 -14.70 46.18
N ILE A 179 -5.14 -13.75 45.29
CA ILE A 179 -4.91 -13.95 43.87
C ILE A 179 -3.50 -14.49 43.61
N ARG A 180 -2.52 -14.06 44.40
CA ARG A 180 -1.14 -14.45 44.18
C ARG A 180 -0.96 -15.96 44.26
N ASP A 181 -1.71 -16.62 45.15
CA ASP A 181 -1.71 -18.08 45.32
C ASP A 181 -2.42 -18.81 44.19
N LEU A 182 -3.02 -18.08 43.23
CA LEU A 182 -3.65 -18.65 42.06
C LEU A 182 -2.81 -18.56 40.79
N LEU A 183 -1.84 -17.64 40.73
CA LEU A 183 -1.07 -17.48 39.50
C LEU A 183 -0.30 -18.75 39.13
N PRO A 184 0.28 -19.51 40.07
CA PRO A 184 0.95 -20.76 39.69
C PRO A 184 0.03 -21.72 38.95
N VAL A 185 -1.20 -21.90 39.43
CA VAL A 185 -2.16 -22.73 38.72
C VAL A 185 -2.35 -22.24 37.29
N MET A 186 -2.37 -20.93 37.10
CA MET A 186 -2.60 -20.37 35.77
C MET A 186 -1.44 -20.65 34.84
N CYS A 187 -0.22 -20.24 35.23
CA CYS A 187 0.97 -20.59 34.47
C CYS A 187 0.95 -22.06 34.06
N ASP A 188 0.66 -22.93 35.04
CA ASP A 188 0.65 -24.37 34.77
C ASP A 188 -0.37 -24.73 33.71
N ARG A 189 -1.65 -24.51 34.01
CA ARG A 189 -2.72 -24.92 33.09
C ARG A 189 -2.58 -24.28 31.71
N ALA A 190 -1.86 -23.15 31.58
CA ALA A 190 -1.64 -22.55 30.27
C ALA A 190 -0.37 -23.05 29.59
N GLY A 191 0.31 -24.02 30.18
CA GLY A 191 1.55 -24.50 29.61
C GLY A 191 2.71 -23.54 29.79
N PHE A 192 2.62 -22.63 30.75
CA PHE A 192 3.61 -21.60 31.00
C PHE A 192 4.59 -22.07 32.08
N ILE A 193 5.83 -21.57 32.01
CA ILE A 193 6.77 -21.72 33.11
C ILE A 193 6.15 -21.15 34.39
N GLN A 194 6.60 -21.65 35.54
CA GLN A 194 6.26 -21.06 36.82
C GLN A 194 6.87 -19.67 36.96
N ASP A 195 6.28 -18.86 37.85
CA ASP A 195 6.64 -17.45 38.06
C ASP A 195 6.65 -16.63 36.78
N THR A 196 5.97 -17.08 35.73
CA THR A 196 5.74 -16.22 34.58
C THR A 196 4.86 -15.05 34.98
N SER A 197 5.33 -13.83 34.69
CA SER A 197 4.57 -12.64 35.02
C SER A 197 3.34 -12.53 34.13
N LEU A 198 2.18 -12.37 34.76
CA LEU A 198 0.87 -12.49 34.15
C LEU A 198 0.10 -11.20 34.39
N ILE A 199 -0.92 -10.95 33.56
CA ILE A 199 -1.88 -9.87 33.80
C ILE A 199 -3.25 -10.50 33.91
N LEU A 200 -4.08 -9.98 34.81
CA LEU A 200 -5.34 -10.62 35.16
C LEU A 200 -6.50 -9.65 35.02
N TYR A 201 -7.61 -10.17 34.50
CA TYR A 201 -8.84 -9.42 34.30
C TYR A 201 -10.02 -10.30 34.69
N GLU A 202 -10.98 -9.73 35.42
CA GLU A 202 -12.28 -10.37 35.57
C GLU A 202 -13.15 -10.01 34.38
N GLU A 203 -13.66 -11.02 33.69
CA GLU A 203 -14.70 -10.83 32.67
C GLU A 203 -16.04 -10.70 33.40
N VAL A 204 -16.47 -9.45 33.62
CA VAL A 204 -17.69 -9.22 34.37
C VAL A 204 -18.91 -9.45 33.49
N LYS A 205 -18.87 -8.95 32.26
CA LYS A 205 -19.96 -9.02 31.30
C LYS A 205 -19.42 -8.54 29.95
N PRO A 206 -20.22 -8.52 28.89
CA PRO A 206 -19.72 -7.91 27.64
C PRO A 206 -19.24 -6.49 27.86
N ASN A 207 -18.08 -6.19 27.28
CA ASN A 207 -17.49 -4.86 27.19
C ASN A 207 -16.89 -4.42 28.53
N LEU A 208 -17.38 -4.99 29.63
CA LEU A 208 -16.81 -4.77 30.95
C LEU A 208 -15.79 -5.86 31.26
N THR A 209 -14.51 -5.47 31.39
CA THR A 209 -13.42 -6.41 31.66
C THR A 209 -12.47 -5.74 32.65
N GLU A 210 -12.85 -5.79 33.92
CA GLU A 210 -12.10 -5.07 34.95
C GLU A 210 -10.76 -5.74 35.17
N ARG A 211 -9.70 -4.94 35.23
CA ARG A 211 -8.38 -5.48 35.49
C ARG A 211 -8.17 -5.67 36.98
N ILE A 212 -7.57 -6.79 37.34
CA ILE A 212 -7.38 -7.12 38.74
C ILE A 212 -6.00 -6.56 39.12
N GLN A 213 -6.01 -5.50 39.93
CA GLN A 213 -4.81 -4.72 40.21
C GLN A 213 -3.99 -5.30 41.37
N ASP A 214 -4.58 -5.37 42.56
CA ASP A 214 -3.79 -5.79 43.72
C ASP A 214 -3.92 -7.31 43.91
N TYR A 215 -2.85 -8.03 43.56
CA TYR A 215 -2.84 -9.49 43.67
C TYR A 215 -2.97 -9.94 45.12
N ASP A 216 -2.03 -9.53 45.96
CA ASP A 216 -1.95 -9.96 47.36
C ASP A 216 -3.16 -9.69 48.26
N VAL A 217 -4.39 -9.66 47.70
CA VAL A 217 -5.55 -9.43 48.55
C VAL A 217 -6.43 -10.68 48.36
N SER A 218 -7.32 -10.92 49.32
CA SER A 218 -8.19 -12.09 49.19
C SER A 218 -9.16 -11.90 48.02
N LEU A 219 -9.62 -13.02 47.46
CA LEU A 219 -10.60 -12.94 46.37
C LEU A 219 -11.81 -12.11 46.75
N ASP A 220 -12.32 -12.29 47.98
CA ASP A 220 -13.56 -11.65 48.37
C ASP A 220 -13.50 -10.15 48.10
N LYS A 221 -12.32 -9.57 48.31
CA LYS A 221 -12.03 -8.19 47.96
C LYS A 221 -11.58 -8.06 46.50
N ALA A 222 -10.65 -8.91 46.09
CA ALA A 222 -10.05 -8.80 44.75
C ALA A 222 -11.08 -8.75 43.64
N LEU A 223 -12.25 -9.34 43.86
CA LEU A 223 -13.31 -9.38 42.87
C LEU A 223 -14.54 -8.66 43.39
N ASP A 224 -14.90 -7.58 42.71
CA ASP A 224 -16.21 -6.97 42.85
C ASP A 224 -17.31 -7.99 42.59
N GLU A 225 -18.31 -8.00 43.48
CA GLU A 225 -19.42 -8.95 43.51
C GLU A 225 -18.97 -10.36 43.19
N LEU A 226 -18.18 -10.94 44.11
CA LEU A 226 -17.69 -12.29 43.96
C LEU A 226 -18.85 -13.27 43.92
N MET A 227 -18.78 -14.27 43.03
CA MET A 227 -19.81 -15.30 42.99
C MET A 227 -19.26 -16.55 42.31
N ASP A 228 -19.91 -17.68 42.59
CA ASP A 228 -19.60 -18.92 41.90
C ASP A 228 -19.87 -18.76 40.41
N GLY A 229 -18.86 -18.97 39.59
CA GLY A 229 -18.97 -18.80 38.16
C GLY A 229 -18.28 -17.56 37.63
N ASP A 230 -17.75 -16.69 38.50
CA ASP A 230 -16.96 -15.57 38.02
C ASP A 230 -15.81 -16.08 37.16
N ILE A 231 -15.25 -15.17 36.36
CA ILE A 231 -14.33 -15.55 35.28
C ILE A 231 -13.15 -14.60 35.29
N ILE A 232 -11.95 -15.15 35.37
CA ILE A 232 -10.70 -14.39 35.37
C ILE A 232 -9.95 -14.73 34.09
N VAL A 233 -9.77 -13.75 33.22
CA VAL A 233 -8.92 -13.92 32.05
C VAL A 233 -7.51 -13.55 32.46
N PHE A 234 -6.52 -14.30 31.99
CA PHE A 234 -5.13 -13.97 32.28
C PHE A 234 -4.31 -14.04 31.01
N GLN A 235 -3.16 -13.36 31.04
CA GLN A 235 -2.28 -13.31 29.88
C GLN A 235 -0.86 -13.05 30.37
N LYS A 236 0.10 -13.43 29.54
CA LYS A 236 1.49 -13.12 29.80
C LYS A 236 1.71 -11.61 29.88
N ASP A 237 2.52 -11.17 30.84
CA ASP A 237 2.93 -9.77 30.89
C ASP A 237 4.21 -9.55 30.09
N ASP A 238 4.14 -9.87 28.80
CA ASP A 238 5.33 -9.82 27.95
C ASP A 238 5.29 -8.60 27.04
N PRO A 239 6.44 -8.00 26.71
CA PRO A 239 6.44 -6.84 25.83
C PRO A 239 6.01 -7.14 24.41
N GLU A 240 5.95 -8.40 24.00
CA GLU A 240 5.57 -8.60 22.61
C GLU A 240 4.07 -8.70 22.39
N ASN A 241 3.28 -8.65 23.46
CA ASN A 241 1.86 -8.33 23.32
C ASN A 241 1.63 -6.99 22.64
N ASP A 242 2.60 -6.07 22.71
CA ASP A 242 2.41 -4.72 22.20
C ASP A 242 2.48 -4.64 20.68
N ASN A 243 2.98 -5.69 20.04
CA ASN A 243 2.92 -5.84 18.59
C ASN A 243 1.59 -6.40 18.14
N SER A 244 0.69 -6.66 19.08
CA SER A 244 -0.62 -7.17 18.77
C SER A 244 -1.60 -6.02 18.73
N GLU A 245 -2.59 -6.19 17.87
CA GLU A 245 -3.62 -5.20 17.65
C GLU A 245 -4.62 -5.17 18.79
N LEU A 246 -4.72 -6.27 19.54
CA LEU A 246 -5.52 -6.32 20.77
C LEU A 246 -4.59 -6.85 21.85
N PRO A 247 -3.74 -5.98 22.43
CA PRO A 247 -2.70 -6.48 23.33
C PRO A 247 -3.22 -7.04 24.65
N THR A 248 -4.35 -6.56 25.15
CA THR A 248 -4.86 -7.00 26.44
C THR A 248 -6.20 -7.70 26.27
N ALA A 249 -6.58 -8.48 27.30
CA ALA A 249 -7.83 -9.23 27.26
C ALA A 249 -9.03 -8.30 27.11
N LYS A 250 -9.21 -7.40 28.07
CA LYS A 250 -9.97 -6.18 27.82
C LYS A 250 -9.99 -5.64 26.37
N GLU A 251 -8.86 -5.39 25.68
CA GLU A 251 -9.06 -4.86 24.33
C GLU A 251 -9.73 -5.87 23.39
N TYR A 252 -9.47 -7.16 23.60
CA TYR A 252 -10.17 -8.20 22.83
C TYR A 252 -11.68 -8.17 23.05
N PHE A 253 -12.10 -8.25 24.33
CA PHE A 253 -13.53 -8.22 24.66
C PHE A 253 -14.23 -6.95 24.16
N ARG A 254 -13.51 -5.82 24.06
CA ARG A 254 -14.11 -4.64 23.45
C ARG A 254 -14.32 -4.84 21.96
N ASP A 255 -13.23 -5.11 21.24
CA ASP A 255 -13.32 -5.33 19.79
C ASP A 255 -14.27 -6.47 19.47
N LEU A 256 -14.57 -7.34 20.42
CA LEU A 256 -15.53 -8.40 20.14
C LEU A 256 -16.97 -7.93 20.36
N TYR A 257 -17.19 -7.05 21.35
CA TYR A 257 -18.51 -6.48 21.59
C TYR A 257 -18.92 -5.51 20.49
N HIS A 258 -17.93 -4.86 19.91
CA HIS A 258 -17.99 -3.91 18.81
C HIS A 258 -17.87 -4.56 17.45
N ARG A 259 -17.77 -5.88 17.42
CA ARG A 259 -17.48 -6.63 16.21
C ARG A 259 -18.77 -6.82 15.41
N VAL A 260 -18.64 -6.75 14.08
CA VAL A 260 -19.78 -6.78 13.17
C VAL A 260 -19.35 -7.30 11.81
N ASP A 261 -20.13 -8.23 11.26
CA ASP A 261 -19.90 -8.80 9.94
C ASP A 261 -20.62 -7.99 8.88
N VAL A 262 -19.92 -7.73 7.77
CA VAL A 262 -20.41 -6.89 6.68
C VAL A 262 -20.15 -7.57 5.34
N ILE A 263 -21.15 -7.54 4.47
CA ILE A 263 -21.02 -8.03 3.10
C ILE A 263 -20.52 -6.91 2.20
N PHE A 264 -19.70 -7.29 1.23
CA PHE A 264 -19.16 -6.36 0.26
C PHE A 264 -19.39 -6.93 -1.13
N CYS A 265 -19.97 -6.11 -2.01
CA CYS A 265 -20.33 -6.53 -3.35
C CYS A 265 -19.73 -5.56 -4.35
N ASP A 266 -19.09 -6.10 -5.38
CA ASP A 266 -18.56 -5.25 -6.44
C ASP A 266 -19.73 -4.67 -7.22
N LYS A 267 -19.86 -3.35 -7.15
CA LYS A 267 -20.92 -2.64 -7.87
C LYS A 267 -20.97 -3.04 -9.34
N THR A 268 -19.80 -3.14 -9.99
CA THR A 268 -19.79 -3.41 -11.41
C THR A 268 -20.26 -4.82 -11.71
N ILE A 269 -19.86 -5.80 -10.90
CA ILE A 269 -20.35 -7.17 -11.05
C ILE A 269 -21.86 -7.17 -10.82
N PRO A 270 -22.66 -7.41 -11.86
CA PRO A 270 -24.12 -7.42 -11.68
C PRO A 270 -24.56 -8.64 -10.90
N ASN A 271 -25.50 -8.44 -9.98
CA ASN A 271 -25.89 -9.47 -8.99
C ASN A 271 -24.68 -10.13 -8.35
N ASP A 272 -23.67 -9.32 -8.05
CA ASP A 272 -22.47 -9.80 -7.38
C ASP A 272 -22.86 -10.47 -6.08
N PRO A 273 -22.59 -11.76 -5.91
CA PRO A 273 -22.83 -12.37 -4.59
C PRO A 273 -21.98 -11.76 -3.50
N GLY A 274 -20.77 -11.31 -3.83
CA GLY A 274 -19.92 -10.66 -2.86
C GLY A 274 -19.40 -11.62 -1.79
N PHE A 275 -18.86 -11.02 -0.75
CA PHE A 275 -18.18 -11.76 0.32
C PHE A 275 -18.42 -11.04 1.65
N VAL A 276 -18.06 -11.73 2.74
CA VAL A 276 -18.23 -11.21 4.10
C VAL A 276 -16.87 -10.85 4.69
N VAL A 277 -16.84 -9.74 5.43
CA VAL A 277 -15.71 -9.32 6.26
C VAL A 277 -16.23 -8.98 7.64
N THR A 278 -15.41 -9.27 8.65
CA THR A 278 -15.74 -8.96 10.03
C THR A 278 -14.91 -7.76 10.47
N LEU A 279 -15.60 -6.70 10.87
CA LEU A 279 -15.04 -5.36 11.05
C LEU A 279 -15.47 -4.87 12.43
N SER A 280 -15.19 -3.60 12.76
CA SER A 280 -15.51 -3.08 14.07
C SER A 280 -16.17 -1.71 13.93
N ASN A 281 -17.40 -1.59 14.45
CA ASN A 281 -18.22 -0.38 14.40
C ASN A 281 -17.49 0.92 14.69
N ARG A 282 -16.35 0.86 15.37
CA ARG A 282 -15.58 2.07 15.59
C ARG A 282 -14.33 2.15 14.72
N MET A 283 -14.20 1.29 13.69
CA MET A 283 -13.19 1.53 12.67
C MET A 283 -13.56 2.75 11.83
N ASN A 284 -12.54 3.27 11.14
CA ASN A 284 -12.62 4.40 10.23
C ASN A 284 -12.24 3.94 8.83
N TYR A 285 -12.26 4.90 7.88
CA TYR A 285 -12.11 4.55 6.47
C TYR A 285 -10.81 3.81 6.22
N PHE A 286 -9.69 4.34 6.73
CA PHE A 286 -8.41 3.67 6.56
C PHE A 286 -8.49 2.23 7.04
N GLN A 287 -9.02 2.04 8.25
CA GLN A 287 -9.03 0.69 8.82
C GLN A 287 -9.85 -0.25 7.94
N VAL A 288 -11.04 0.21 7.53
CA VAL A 288 -11.91 -0.60 6.68
C VAL A 288 -11.25 -0.87 5.34
N ALA A 289 -10.76 0.17 4.68
CA ALA A 289 -10.15 -0.02 3.37
C ALA A 289 -8.94 -0.94 3.48
N LYS A 290 -8.05 -0.68 4.44
CA LYS A 290 -6.89 -1.54 4.65
C LYS A 290 -7.30 -2.98 4.85
N THR A 291 -8.32 -3.22 5.69
CA THR A 291 -8.81 -4.58 5.89
C THR A 291 -9.33 -5.19 4.60
N VAL A 292 -10.38 -4.61 4.03
CA VAL A 292 -10.97 -5.17 2.82
C VAL A 292 -9.91 -5.29 1.72
N ALA A 293 -8.91 -4.41 1.73
CA ALA A 293 -7.84 -4.48 0.72
C ALA A 293 -7.04 -5.76 0.89
N GLN A 294 -6.61 -6.06 2.11
CA GLN A 294 -5.91 -7.30 2.41
C GLN A 294 -6.72 -8.48 1.88
N ARG A 295 -7.97 -8.63 2.35
CA ARG A 295 -8.89 -9.61 1.81
C ARG A 295 -8.97 -9.67 0.29
N LEU A 296 -8.48 -8.68 -0.47
CA LEU A 296 -8.29 -8.97 -1.90
C LEU A 296 -6.92 -8.71 -2.53
N ASN A 297 -5.79 -8.68 -1.84
CA ASN A 297 -4.50 -8.47 -2.54
C ASN A 297 -4.64 -7.40 -3.64
N THR A 298 -4.87 -6.18 -3.15
CA THR A 298 -4.83 -4.96 -3.94
C THR A 298 -4.66 -3.79 -2.98
N ASP A 299 -4.15 -2.66 -3.49
CA ASP A 299 -3.84 -1.54 -2.62
C ASP A 299 -5.16 -0.92 -2.13
N PRO A 300 -5.20 -0.42 -0.90
CA PRO A 300 -6.43 0.29 -0.47
C PRO A 300 -6.82 1.47 -1.36
N MET A 301 -5.88 2.37 -1.70
CA MET A 301 -6.08 3.45 -2.67
C MET A 301 -6.66 3.03 -4.03
N LEU A 302 -6.87 1.74 -4.23
CA LEU A 302 -7.51 1.23 -5.42
C LEU A 302 -8.97 0.85 -5.20
N LEU A 303 -9.49 1.00 -3.98
CA LEU A 303 -10.88 0.68 -3.69
C LEU A 303 -11.71 1.93 -3.57
N GLN A 304 -12.81 1.96 -4.34
CA GLN A 304 -13.84 2.99 -4.25
C GLN A 304 -15.07 2.41 -3.57
N PHE A 305 -15.38 2.91 -2.39
CA PHE A 305 -16.55 2.47 -1.63
C PHE A 305 -17.72 3.42 -1.85
N PHE A 306 -18.93 2.88 -1.71
CA PHE A 306 -20.16 3.64 -1.86
C PHE A 306 -20.96 3.58 -0.57
N LYS A 307 -21.47 4.73 -0.14
CA LYS A 307 -22.39 4.79 0.99
C LYS A 307 -23.62 3.93 0.70
N SER A 308 -24.54 3.85 1.64
CA SER A 308 -25.70 3.01 1.51
C SER A 308 -26.92 3.86 1.21
N GLN A 309 -27.60 3.58 0.09
CA GLN A 309 -28.92 4.15 -0.07
C GLN A 309 -29.93 3.65 0.95
N GLY A 310 -29.66 2.58 1.69
CA GLY A 310 -30.57 2.25 2.78
C GLY A 310 -32.00 1.92 2.38
N TYR A 311 -32.45 2.40 1.22
CA TYR A 311 -33.74 2.03 0.64
C TYR A 311 -33.53 1.10 -0.54
N ARG A 312 -33.02 1.63 -1.66
CA ARG A 312 -32.63 0.79 -2.77
C ARG A 312 -31.36 0.06 -2.41
N ASP A 313 -31.18 -1.07 -3.05
CA ASP A 313 -30.23 -1.99 -2.50
C ASP A 313 -28.94 -1.77 -3.26
N GLY A 314 -28.99 -0.78 -4.17
CA GLY A 314 -27.91 -0.33 -4.98
C GLY A 314 -27.06 0.72 -4.29
N PRO A 315 -25.82 0.84 -4.76
CA PRO A 315 -24.86 1.70 -4.08
C PRO A 315 -25.28 3.16 -4.11
N GLY A 316 -25.01 3.86 -3.00
CA GLY A 316 -25.36 5.26 -2.88
C GLY A 316 -24.29 6.19 -3.40
N ASN A 317 -24.01 7.27 -2.68
CA ASN A 317 -22.98 8.19 -3.14
C ASN A 317 -21.62 7.53 -3.04
N PRO A 318 -20.69 7.87 -3.93
CA PRO A 318 -19.31 7.41 -3.76
C PRO A 318 -18.74 7.93 -2.45
N LEU A 319 -18.02 7.06 -1.75
CA LEU A 319 -17.44 7.40 -0.45
C LEU A 319 -16.03 7.96 -0.67
N ARG A 320 -15.91 9.28 -0.58
CA ARG A 320 -14.61 9.95 -0.59
C ARG A 320 -13.66 9.31 0.41
N HIS A 321 -12.40 9.12 0.00
CA HIS A 321 -11.43 8.46 0.86
C HIS A 321 -11.01 9.31 2.06
N ASN A 322 -11.60 10.48 2.27
CA ASN A 322 -11.34 11.27 3.47
C ASN A 322 -12.52 11.23 4.43
N TYR A 323 -13.33 10.18 4.36
CA TYR A 323 -14.54 10.10 5.17
C TYR A 323 -14.23 10.14 6.66
N GLU A 324 -14.61 11.24 7.30
CA GLU A 324 -14.38 11.41 8.72
C GLU A 324 -15.25 10.54 9.65
N GLY A 325 -16.18 9.70 9.18
CA GLY A 325 -16.98 8.90 10.09
C GLY A 325 -16.36 7.56 10.46
N THR A 326 -17.13 6.77 11.20
CA THR A 326 -16.80 5.41 11.59
C THR A 326 -17.63 4.41 10.80
N LEU A 327 -17.24 3.14 10.87
CA LEU A 327 -17.98 2.10 10.19
C LEU A 327 -19.43 2.05 10.64
N ARG A 328 -19.68 2.50 11.87
CA ARG A 328 -21.03 2.48 12.40
C ARG A 328 -21.89 3.52 11.71
N ASP A 329 -21.37 4.74 11.57
CA ASP A 329 -22.11 5.81 10.91
C ASP A 329 -22.58 5.38 9.52
N LEU A 330 -21.85 4.47 8.89
CA LEU A 330 -22.13 4.01 7.53
C LEU A 330 -23.24 2.96 7.50
N LEU A 331 -23.40 2.24 8.61
CA LEU A 331 -24.24 1.06 8.75
C LEU A 331 -25.47 1.27 9.61
N GLN A 332 -25.67 2.46 10.18
CA GLN A 332 -26.79 2.73 11.06
C GLN A 332 -28.15 2.65 10.37
N PHE A 333 -28.17 2.64 9.03
CA PHE A 333 -29.45 2.61 8.33
C PHE A 333 -29.99 1.20 8.11
N PHE A 334 -29.42 0.19 8.75
CA PHE A 334 -29.76 -1.21 8.50
C PHE A 334 -30.65 -1.68 9.65
N LYS A 335 -31.11 -2.93 9.57
CA LYS A 335 -32.09 -3.43 10.53
C LYS A 335 -31.68 -4.88 10.91
N PRO A 336 -32.63 -5.82 11.38
CA PRO A 336 -32.29 -7.26 11.43
C PRO A 336 -31.77 -7.93 10.17
N ARG A 337 -32.56 -8.80 9.48
CA ARG A 337 -31.99 -9.51 8.34
C ARG A 337 -31.04 -8.74 7.49
N GLN A 338 -31.35 -7.49 7.30
CA GLN A 338 -30.81 -6.74 6.20
C GLN A 338 -29.29 -6.79 6.37
N PRO A 339 -28.63 -7.67 5.59
CA PRO A 339 -27.32 -8.16 6.01
C PRO A 339 -26.34 -7.07 5.70
N LYS A 340 -25.98 -6.33 6.74
CA LYS A 340 -25.21 -5.10 6.63
C LYS A 340 -24.21 -5.15 5.49
N LYS A 341 -24.36 -4.25 4.51
CA LYS A 341 -23.70 -4.41 3.22
C LYS A 341 -23.44 -3.08 2.55
N LEU A 342 -22.29 -3.04 1.87
CA LEU A 342 -21.72 -1.91 1.17
C LEU A 342 -21.30 -2.40 -0.21
N TYR A 343 -20.92 -1.45 -1.06
CA TYR A 343 -20.51 -1.74 -2.43
C TYR A 343 -19.15 -1.15 -2.72
N TYR A 344 -18.35 -1.86 -3.52
CA TYR A 344 -17.02 -1.42 -3.91
C TYR A 344 -16.88 -1.50 -5.43
N GLN A 345 -15.75 -0.97 -5.95
CA GLN A 345 -15.25 -1.29 -7.27
C GLN A 345 -13.77 -1.00 -7.23
N GLN A 346 -13.01 -1.94 -7.70
CA GLN A 346 -11.65 -1.91 -8.17
C GLN A 346 -11.24 -0.77 -9.15
N LEU A 347 -10.10 -0.16 -8.88
CA LEU A 347 -9.67 1.02 -9.60
C LEU A 347 -8.38 0.74 -10.37
N LYS A 348 -8.24 1.46 -11.46
CA LYS A 348 -7.17 1.24 -12.41
C LYS A 348 -5.85 1.76 -11.86
N MET A 349 -4.86 1.89 -12.73
CA MET A 349 -3.48 1.86 -12.28
C MET A 349 -2.53 2.46 -13.32
N GLN B 4 52.12 71.32 -17.43
CA GLN B 4 51.73 70.58 -18.63
C GLN B 4 50.65 69.51 -18.65
N GLN B 5 49.56 69.59 -17.88
CA GLN B 5 48.46 68.66 -18.11
C GLN B 5 47.21 69.35 -17.55
N LEU B 6 46.33 69.83 -18.43
CA LEU B 6 45.06 70.33 -17.93
C LEU B 6 44.01 69.36 -18.45
N VAL B 7 43.18 69.78 -19.42
CA VAL B 7 42.07 69.00 -19.96
C VAL B 7 42.36 67.50 -20.15
N GLU B 8 42.71 67.09 -21.37
CA GLU B 8 42.76 65.68 -21.76
C GLU B 8 41.62 64.85 -21.15
N ARG B 9 41.92 64.15 -20.04
CA ARG B 9 41.01 63.33 -19.22
C ARG B 9 39.56 63.30 -19.71
N LEU B 10 38.94 64.50 -19.77
CA LEU B 10 37.70 64.78 -20.52
C LEU B 10 37.61 64.09 -21.88
N GLN B 11 38.54 64.45 -22.77
CA GLN B 11 38.53 63.94 -24.14
C GLN B 11 38.48 62.41 -24.18
N GLU B 12 39.27 61.76 -23.34
CA GLU B 12 39.21 60.31 -23.20
C GLU B 12 37.84 59.84 -22.75
N GLU B 13 37.24 60.57 -21.81
CA GLU B 13 35.88 60.22 -21.36
C GLU B 13 34.90 60.25 -22.52
N LYS B 14 35.14 61.09 -23.53
CA LYS B 14 34.26 61.17 -24.69
C LYS B 14 34.57 60.10 -25.73
N ARG B 15 35.85 59.98 -26.08
CA ARG B 15 36.25 58.99 -27.08
C ARG B 15 35.78 57.60 -26.70
N ILE B 16 36.08 57.20 -25.46
CA ILE B 16 35.52 55.96 -24.92
C ILE B 16 34.00 55.99 -25.03
N GLU B 17 33.39 57.15 -24.80
CA GLU B 17 31.95 57.29 -25.02
C GLU B 17 31.61 57.36 -26.51
N ALA B 18 32.54 57.80 -27.36
CA ALA B 18 32.28 57.81 -28.79
C ALA B 18 32.36 56.40 -29.37
N GLN B 19 33.56 55.80 -29.38
CA GLN B 19 33.74 54.49 -30.00
C GLN B 19 32.72 53.46 -29.52
N LYS B 20 32.28 53.59 -28.28
CA LYS B 20 31.27 52.69 -27.73
C LYS B 20 29.84 53.13 -28.00
N ARG B 21 29.62 54.20 -28.76
CA ARG B 21 28.30 54.49 -29.31
C ARG B 21 28.18 54.06 -30.75
N LYS B 22 29.33 53.92 -31.41
CA LYS B 22 29.47 53.38 -32.74
C LYS B 22 28.97 51.94 -32.83
N GLU B 23 29.60 51.05 -32.06
CA GLU B 23 29.08 49.75 -31.74
C GLU B 23 27.58 49.59 -31.49
N ARG B 24 26.78 50.66 -31.56
CA ARG B 24 25.33 50.48 -31.42
C ARG B 24 24.63 50.56 -32.77
N GLN B 25 25.01 51.56 -33.55
CA GLN B 25 24.59 51.66 -34.94
C GLN B 25 25.30 50.63 -35.82
N GLU B 26 26.54 50.26 -35.49
CA GLU B 26 27.17 49.16 -36.22
C GLU B 26 26.78 47.79 -35.66
N ALA B 27 25.63 47.68 -35.01
CA ALA B 27 25.27 46.42 -34.37
C ALA B 27 24.73 45.40 -35.37
N HIS B 28 23.85 45.84 -36.27
CA HIS B 28 23.22 44.93 -37.21
C HIS B 28 24.21 44.30 -38.19
N LEU B 29 25.34 44.95 -38.44
CA LEU B 29 26.36 44.40 -39.33
C LEU B 29 27.02 43.15 -38.77
N TYR B 30 26.83 42.85 -37.50
CA TYR B 30 27.42 41.71 -36.82
C TYR B 30 26.35 40.67 -36.52
N MET B 31 26.80 39.42 -36.35
CA MET B 31 25.94 38.32 -35.97
C MET B 31 26.70 37.38 -35.04
N GLN B 32 25.94 36.69 -34.18
CA GLN B 32 26.48 35.79 -33.17
C GLN B 32 26.53 34.34 -33.67
N VAL B 33 27.74 33.85 -33.93
CA VAL B 33 28.01 32.42 -34.08
C VAL B 33 28.28 31.78 -32.73
N GLN B 34 27.50 30.77 -32.44
CA GLN B 34 27.60 29.94 -31.25
C GLN B 34 28.31 28.64 -31.62
N ILE B 35 29.43 28.35 -30.96
CA ILE B 35 30.19 27.13 -31.20
C ILE B 35 29.97 26.14 -30.07
N VAL B 36 29.66 24.90 -30.44
CA VAL B 36 29.46 23.80 -29.50
C VAL B 36 30.48 22.71 -29.81
N ALA B 37 31.32 22.40 -28.82
CA ALA B 37 32.31 21.34 -28.93
C ALA B 37 31.70 20.02 -28.48
N GLU B 38 32.07 18.95 -29.17
CA GLU B 38 31.49 17.65 -28.88
C GLU B 38 31.62 17.26 -27.41
N ASP B 39 32.46 17.92 -26.61
CA ASP B 39 32.43 17.59 -25.19
C ASP B 39 31.09 17.98 -24.57
N GLN B 40 30.30 18.83 -25.22
CA GLN B 40 29.05 19.18 -24.58
C GLN B 40 27.99 18.10 -24.75
N PHE B 41 28.17 17.20 -25.71
CA PHE B 41 27.18 16.16 -25.91
C PHE B 41 27.30 15.08 -24.86
N CYS B 42 28.41 15.07 -24.13
CA CYS B 42 28.74 14.02 -23.19
C CYS B 42 27.93 14.20 -21.92
N GLY B 43 26.92 13.35 -21.73
CA GLY B 43 26.10 13.46 -20.54
C GLY B 43 24.62 13.58 -20.82
N HIS B 44 24.25 14.58 -21.64
CA HIS B 44 22.89 14.84 -22.07
C HIS B 44 22.04 13.58 -22.19
N GLN B 45 20.78 13.66 -21.76
CA GLN B 45 19.99 12.48 -21.45
C GLN B 45 18.69 12.40 -22.27
N GLY B 46 18.59 13.14 -23.37
CA GLY B 46 17.38 13.02 -24.16
C GLY B 46 17.37 13.73 -25.50
N ASN B 47 16.99 13.00 -26.56
CA ASN B 47 16.64 13.48 -27.90
C ASN B 47 17.51 14.62 -28.45
N ASP B 48 18.08 14.45 -29.65
CA ASP B 48 19.10 15.35 -30.21
C ASP B 48 20.43 15.20 -29.46
N MET B 49 21.28 16.23 -29.49
CA MET B 49 22.64 16.15 -28.94
C MET B 49 22.83 16.87 -27.62
N TYR B 50 22.11 17.97 -27.38
CA TYR B 50 22.23 18.79 -26.18
C TYR B 50 20.89 19.43 -25.82
N ASP B 51 20.81 19.93 -24.59
CA ASP B 51 19.69 20.75 -24.13
C ASP B 51 20.02 22.21 -24.43
N GLU B 52 19.23 22.85 -25.30
CA GLU B 52 19.45 24.25 -25.67
C GLU B 52 19.73 25.18 -24.49
N GLU B 53 19.30 24.80 -23.28
CA GLU B 53 19.51 25.63 -22.10
C GLU B 53 20.85 25.37 -21.42
N LYS B 54 21.23 24.11 -21.22
CA LYS B 54 22.36 23.82 -20.33
C LYS B 54 23.69 23.79 -21.05
N VAL B 55 23.68 24.06 -22.35
CA VAL B 55 24.84 23.87 -23.20
C VAL B 55 25.68 25.15 -23.18
N LYS B 56 26.99 24.97 -23.05
CA LYS B 56 27.93 26.08 -23.01
C LYS B 56 28.54 26.24 -24.40
N TYR B 57 28.52 27.45 -24.91
CA TYR B 57 29.05 27.67 -26.25
C TYR B 57 30.40 28.37 -26.17
N THR B 58 30.94 28.70 -27.34
CA THR B 58 32.11 29.55 -27.44
C THR B 58 31.66 30.70 -28.35
N VAL B 59 31.16 31.76 -27.73
CA VAL B 59 30.41 32.78 -28.47
C VAL B 59 31.34 33.64 -29.31
N PHE B 60 30.86 34.00 -30.49
CA PHE B 60 31.64 34.69 -31.51
C PHE B 60 30.78 35.79 -32.11
N LYS B 61 31.30 37.01 -32.07
CA LYS B 61 30.69 38.15 -32.74
C LYS B 61 31.30 38.21 -34.13
N VAL B 62 30.50 37.90 -35.15
CA VAL B 62 30.98 37.72 -36.51
C VAL B 62 30.19 38.69 -37.39
N LEU B 63 30.88 39.25 -38.38
CA LEU B 63 30.33 40.38 -39.09
C LEU B 63 29.51 39.70 -40.21
N LYS B 64 28.36 40.25 -40.58
CA LYS B 64 27.50 39.48 -41.48
C LYS B 64 28.10 39.36 -42.89
N ASN B 65 28.35 40.50 -43.52
CA ASN B 65 29.30 40.69 -44.59
C ASN B 65 30.75 40.33 -44.24
N SER B 66 31.01 39.03 -44.24
CA SER B 66 32.32 38.39 -44.16
C SER B 66 32.20 37.00 -44.79
N SER B 67 33.30 36.24 -44.83
CA SER B 67 33.36 34.94 -45.49
C SER B 67 33.77 33.84 -44.52
N LEU B 68 33.25 32.62 -44.74
CA LEU B 68 33.61 31.47 -43.91
C LEU B 68 35.11 31.36 -43.70
N ALA B 69 35.89 31.30 -44.78
CA ALA B 69 37.33 31.10 -44.61
C ALA B 69 37.94 32.11 -43.64
N GLU B 70 37.30 33.26 -43.38
CA GLU B 70 37.84 34.18 -42.39
C GLU B 70 37.58 33.66 -40.97
N PHE B 71 36.35 33.22 -40.71
CA PHE B 71 36.05 32.58 -39.43
C PHE B 71 36.97 31.39 -39.14
N VAL B 72 37.30 30.57 -40.15
CA VAL B 72 38.14 29.41 -39.83
C VAL B 72 39.51 29.84 -39.32
N GLN B 73 40.12 30.87 -39.93
CA GLN B 73 41.52 31.14 -39.56
C GLN B 73 41.59 31.85 -38.21
N SER B 74 40.72 32.85 -38.05
CA SER B 74 40.13 33.27 -36.80
C SER B 74 39.95 32.13 -35.78
N LEU B 75 39.09 31.16 -36.08
CA LEU B 75 38.79 30.14 -35.09
C LEU B 75 39.98 29.21 -34.87
N SER B 76 40.76 28.96 -35.92
CA SER B 76 42.00 28.22 -35.76
C SER B 76 42.93 28.92 -34.78
N GLN B 77 42.85 30.25 -34.69
CA GLN B 77 43.68 31.01 -33.78
C GLN B 77 43.01 31.11 -32.42
N THR B 78 41.71 31.44 -32.41
CA THR B 78 40.98 31.66 -31.18
C THR B 78 41.07 30.47 -30.24
N MET B 79 40.74 29.28 -30.75
CA MET B 79 40.74 28.05 -29.98
C MET B 79 42.05 27.27 -30.10
N GLY B 80 43.07 27.84 -30.76
CA GLY B 80 44.35 27.19 -30.96
C GLY B 80 44.26 25.79 -31.55
N PHE B 81 43.81 25.67 -32.80
CA PHE B 81 43.61 24.38 -33.44
C PHE B 81 44.16 24.44 -34.85
N PRO B 82 44.94 23.45 -35.29
CA PRO B 82 45.47 23.48 -36.65
C PRO B 82 44.37 23.36 -37.69
N GLN B 83 43.99 24.49 -38.30
CA GLN B 83 43.00 24.59 -39.37
C GLN B 83 42.52 23.33 -40.10
N ASP B 84 43.28 22.22 -40.14
CA ASP B 84 42.76 20.97 -40.70
C ASP B 84 42.81 19.80 -39.72
N GLN B 85 43.03 20.07 -38.42
CA GLN B 85 42.58 19.24 -37.30
C GLN B 85 41.10 19.45 -36.94
N ILE B 86 40.32 20.16 -37.77
CA ILE B 86 38.96 20.56 -37.44
C ILE B 86 38.02 20.14 -38.56
N ARG B 87 36.74 20.43 -38.34
CA ARG B 87 35.73 20.35 -39.39
C ARG B 87 34.44 20.90 -38.82
N LEU B 88 33.72 21.71 -39.60
CA LEU B 88 32.53 22.37 -39.07
C LEU B 88 31.25 21.71 -39.55
N TRP B 89 30.31 21.54 -38.61
CA TRP B 89 29.00 20.96 -38.85
C TRP B 89 27.95 21.91 -38.29
N PRO B 90 27.42 22.81 -39.10
CA PRO B 90 26.37 23.73 -38.63
C PRO B 90 25.13 22.95 -38.22
N MET B 91 24.51 23.38 -37.11
CA MET B 91 23.32 22.71 -36.63
C MET B 91 22.14 23.14 -37.48
N GLN B 92 21.31 22.18 -37.90
CA GLN B 92 20.18 22.43 -38.79
C GLN B 92 18.87 22.15 -38.06
N ALA B 93 17.87 22.99 -38.31
CA ALA B 93 16.54 22.77 -37.73
C ALA B 93 15.69 21.96 -38.71
N ARG B 94 15.84 20.63 -38.65
CA ARG B 94 15.10 19.78 -39.57
C ARG B 94 13.60 19.97 -39.40
N SER B 95 12.84 19.36 -40.31
CA SER B 95 11.41 19.58 -40.37
C SER B 95 10.71 19.20 -39.07
N ASN B 96 11.17 18.12 -38.45
CA ASN B 96 10.50 17.54 -37.29
C ASN B 96 11.02 18.10 -35.96
N GLY B 97 11.46 19.36 -35.96
CA GLY B 97 11.80 20.06 -34.74
C GLY B 97 13.11 19.68 -34.14
N THR B 98 13.76 18.64 -34.65
CA THR B 98 15.08 18.24 -34.19
C THR B 98 16.15 19.16 -34.74
N LYS B 99 17.27 19.18 -34.02
CA LYS B 99 18.43 20.05 -34.29
C LYS B 99 19.65 19.14 -34.32
N ARG B 100 20.09 18.78 -35.53
CA ARG B 100 21.17 17.85 -35.86
C ARG B 100 22.27 18.54 -36.66
N PRO B 101 23.49 17.99 -36.68
CA PRO B 101 24.57 18.62 -37.43
C PRO B 101 24.45 18.42 -38.94
N ALA B 102 25.16 19.27 -39.69
CA ALA B 102 25.14 19.21 -41.14
C ALA B 102 26.53 19.46 -41.73
N ALA B 108 31.49 21.08 -49.94
CA ALA B 108 30.23 21.40 -50.60
C ALA B 108 30.22 22.80 -51.22
N ASP B 109 30.47 23.86 -50.44
CA ASP B 109 30.67 25.19 -51.04
C ASP B 109 32.10 25.70 -50.91
N GLY B 110 32.40 26.65 -51.80
CA GLY B 110 33.64 27.39 -51.88
C GLY B 110 33.44 28.90 -51.87
N ASN B 111 32.93 29.49 -52.95
CA ASN B 111 32.69 30.95 -53.03
C ASN B 111 31.26 31.31 -52.62
N LYS B 112 31.05 31.40 -51.30
CA LYS B 112 29.85 31.98 -50.70
C LYS B 112 30.23 32.63 -49.38
N THR B 113 29.74 33.85 -49.15
CA THR B 113 30.12 34.63 -47.97
C THR B 113 29.50 34.06 -46.69
N MET B 114 29.38 34.87 -45.62
CA MET B 114 28.86 34.37 -44.35
C MET B 114 27.34 34.35 -44.23
N ILE B 115 26.75 35.40 -43.62
CA ILE B 115 25.35 35.43 -43.18
C ILE B 115 24.42 34.70 -44.13
N GLU B 116 24.70 34.77 -45.43
CA GLU B 116 23.91 34.01 -46.38
C GLU B 116 23.88 32.53 -46.04
N LEU B 117 24.97 31.98 -45.48
CA LEU B 117 24.98 30.55 -45.16
C LEU B 117 23.90 30.22 -44.13
N SER B 118 23.95 30.89 -42.98
CA SER B 118 22.98 30.84 -41.90
C SER B 118 21.51 30.84 -42.31
N ASP B 119 21.22 30.93 -43.61
CA ASP B 119 19.86 31.14 -44.12
C ASP B 119 19.21 32.33 -43.41
N ASN B 120 20.05 33.23 -42.90
CA ASN B 120 19.72 34.25 -41.90
C ASN B 120 19.18 33.65 -40.61
N GLU B 121 20.05 33.49 -39.62
CA GLU B 121 19.60 33.03 -38.30
C GLU B 121 20.62 33.46 -37.28
N ASN B 122 20.18 34.28 -36.34
CA ASN B 122 21.11 34.99 -35.45
C ASN B 122 20.50 34.96 -34.06
N PRO B 123 21.11 34.23 -33.11
CA PRO B 123 22.40 33.55 -33.28
C PRO B 123 22.38 32.30 -34.17
N TRP B 124 23.53 31.65 -34.28
CA TRP B 124 23.72 30.52 -35.19
C TRP B 124 24.65 29.50 -34.53
N THR B 125 24.11 28.34 -34.20
CA THR B 125 24.88 27.34 -33.45
C THR B 125 25.57 26.40 -34.44
N ILE B 126 26.79 25.98 -34.11
CA ILE B 126 27.63 25.18 -35.01
C ILE B 126 28.43 24.14 -34.24
N PHE B 127 28.43 22.89 -34.73
CA PHE B 127 29.19 21.80 -34.13
C PHE B 127 30.61 21.75 -34.70
N LEU B 128 31.57 21.99 -33.81
CA LEU B 128 33.01 21.92 -34.08
C LEU B 128 33.53 20.52 -33.80
N GLU B 129 33.95 19.83 -34.85
CA GLU B 129 34.60 18.52 -34.73
C GLU B 129 36.12 18.69 -34.71
N THR B 130 36.77 18.08 -33.73
CA THR B 130 38.22 18.07 -33.68
C THR B 130 38.73 16.65 -33.48
N VAL B 131 40.00 16.45 -33.82
CA VAL B 131 40.68 15.22 -33.44
C VAL B 131 40.90 15.20 -31.94
N ASP B 132 40.68 14.04 -31.33
CA ASP B 132 41.10 13.74 -29.96
C ASP B 132 42.47 14.37 -29.72
N PRO B 133 42.63 15.15 -28.65
CA PRO B 133 43.98 15.63 -28.29
C PRO B 133 44.99 14.50 -28.17
N GLU B 134 44.58 13.33 -27.69
CA GLU B 134 45.44 12.15 -27.69
C GLU B 134 45.94 11.89 -29.11
N LEU B 135 45.08 11.36 -29.99
CA LEU B 135 45.42 11.24 -31.40
C LEU B 135 46.01 12.53 -32.00
N ALA B 136 45.89 13.68 -31.33
CA ALA B 136 46.35 14.92 -31.96
C ALA B 136 47.88 14.97 -32.06
N ALA B 137 48.58 14.58 -30.98
CA ALA B 137 50.03 14.61 -30.99
C ALA B 137 50.57 13.91 -32.23
N SER B 138 50.06 12.72 -32.52
CA SER B 138 50.46 11.95 -33.70
C SER B 138 50.14 12.66 -35.01
N GLY B 139 50.10 13.99 -35.01
CA GLY B 139 49.61 14.73 -36.16
C GLY B 139 48.24 14.23 -36.55
N ALA B 140 48.22 12.99 -37.08
CA ALA B 140 47.05 12.16 -37.32
C ALA B 140 45.79 12.98 -37.51
N THR B 141 45.47 13.26 -38.75
CA THR B 141 44.58 14.36 -39.08
C THR B 141 43.17 13.84 -39.22
N LEU B 142 42.29 14.77 -39.36
CA LEU B 142 40.89 14.42 -39.42
C LEU B 142 40.62 13.86 -40.81
N PRO B 143 40.04 12.66 -40.92
CA PRO B 143 40.10 11.92 -42.20
C PRO B 143 39.29 12.59 -43.30
N LYS B 144 39.52 12.17 -44.55
CA LYS B 144 38.63 12.67 -45.58
C LYS B 144 37.23 12.12 -45.41
N PHE B 145 36.29 12.83 -46.01
CA PHE B 145 34.87 12.59 -45.82
C PHE B 145 34.19 12.78 -47.17
N ASP B 146 33.81 11.68 -47.79
CA ASP B 146 33.12 11.74 -49.08
C ASP B 146 31.66 12.13 -48.85
N LYS B 147 31.30 13.38 -49.19
CA LYS B 147 29.97 13.91 -48.89
C LYS B 147 28.86 13.06 -49.46
N ASP B 148 29.15 12.27 -50.50
CA ASP B 148 28.18 11.39 -51.12
C ASP B 148 28.43 9.91 -50.87
N HIS B 149 29.52 9.52 -50.17
CA HIS B 149 29.69 8.12 -49.80
C HIS B 149 30.15 7.87 -48.37
N ASP B 150 30.27 8.90 -47.54
CA ASP B 150 30.52 8.73 -46.11
C ASP B 150 29.47 9.53 -45.34
N VAL B 151 29.05 8.99 -44.19
CA VAL B 151 28.06 9.65 -43.35
C VAL B 151 28.58 9.68 -41.92
N MET B 152 28.43 10.83 -41.26
CA MET B 152 28.82 10.98 -39.87
C MET B 152 27.64 10.59 -38.99
N LEU B 153 27.74 9.45 -38.32
CA LEU B 153 26.68 8.99 -37.44
C LEU B 153 26.98 9.38 -36.01
N PHE B 154 26.06 9.06 -35.11
CA PHE B 154 26.20 9.38 -33.69
C PHE B 154 25.63 8.22 -32.89
N LEU B 155 26.39 7.74 -31.91
CA LEU B 155 26.05 6.52 -31.19
C LEU B 155 25.65 6.85 -29.76
N LYS B 156 24.53 6.29 -29.31
CA LYS B 156 24.09 6.40 -27.93
C LYS B 156 23.88 5.01 -27.35
N MET B 157 24.47 4.74 -26.19
CA MET B 157 24.17 3.53 -25.44
C MET B 157 23.09 3.83 -24.40
N TYR B 158 22.07 2.99 -24.35
CA TYR B 158 21.10 3.03 -23.28
C TYR B 158 21.46 1.95 -22.27
N ASP B 159 21.47 2.32 -20.99
CA ASP B 159 21.69 1.44 -19.84
C ASP B 159 20.37 1.24 -19.13
N PRO B 160 19.62 0.18 -19.44
CA PRO B 160 18.31 0.00 -18.79
C PRO B 160 18.36 -0.07 -17.27
N LYS B 161 19.35 -0.76 -16.70
CA LYS B 161 19.46 -0.85 -15.24
C LYS B 161 19.36 0.53 -14.59
N THR B 162 20.07 1.51 -15.15
CA THR B 162 20.10 2.86 -14.62
C THR B 162 19.15 3.81 -15.35
N ARG B 163 18.50 3.33 -16.41
CA ARG B 163 17.58 4.13 -17.22
C ARG B 163 18.21 5.49 -17.56
N SER B 164 19.23 5.39 -18.41
CA SER B 164 20.10 6.53 -18.69
C SER B 164 20.74 6.32 -20.06
N LEU B 165 21.16 7.44 -20.65
CA LEU B 165 21.79 7.45 -21.97
C LEU B 165 23.28 7.74 -21.79
N ASN B 166 24.12 6.75 -22.05
CA ASN B 166 25.56 6.95 -22.17
C ASN B 166 25.93 7.30 -23.60
N TYR B 167 26.64 8.41 -23.77
CA TYR B 167 27.05 8.88 -25.07
C TYR B 167 28.24 8.08 -25.59
N CYS B 168 28.32 7.96 -26.92
CA CYS B 168 29.37 7.16 -27.55
C CYS B 168 29.88 7.82 -28.83
N GLY B 169 29.89 9.15 -28.87
CA GLY B 169 30.54 9.85 -29.95
C GLY B 169 29.93 9.64 -31.33
N HIS B 170 30.75 9.95 -32.33
CA HIS B 170 30.37 9.96 -33.73
C HIS B 170 31.33 9.08 -34.51
N ILE B 171 30.89 8.63 -35.70
CA ILE B 171 31.76 7.85 -36.58
C ILE B 171 31.49 8.24 -38.03
N TYR B 172 32.56 8.25 -38.82
CA TYR B 172 32.47 8.21 -40.28
C TYR B 172 32.36 6.76 -40.74
N THR B 173 31.48 6.52 -41.71
CA THR B 173 31.30 5.18 -42.25
C THR B 173 30.83 5.27 -43.69
N PRO B 174 31.24 4.33 -44.54
CA PRO B 174 30.66 4.25 -45.87
C PRO B 174 29.19 3.93 -45.75
N ILE B 175 28.41 4.51 -46.65
CA ILE B 175 26.97 4.45 -46.50
C ILE B 175 26.48 3.06 -46.84
N SER B 176 27.31 2.32 -47.55
CA SER B 176 27.18 0.91 -47.85
C SER B 176 27.49 -0.01 -46.66
N CYS B 177 28.16 0.50 -45.62
CA CYS B 177 28.68 -0.35 -44.55
C CYS B 177 27.52 -1.07 -43.86
N LYS B 178 27.74 -2.31 -43.51
CA LYS B 178 26.59 -3.11 -43.12
C LYS B 178 26.37 -2.95 -41.62
N ILE B 179 25.11 -2.73 -41.21
CA ILE B 179 24.87 -2.39 -39.80
C ILE B 179 25.46 -3.44 -38.87
N ARG B 180 25.82 -4.60 -39.40
CA ARG B 180 26.54 -5.60 -38.62
C ARG B 180 27.96 -5.17 -38.31
N ASP B 181 28.58 -4.39 -39.20
CA ASP B 181 29.97 -3.98 -38.99
C ASP B 181 30.12 -2.88 -37.95
N LEU B 182 29.03 -2.40 -37.35
CA LEU B 182 29.18 -1.33 -36.40
C LEU B 182 29.14 -1.81 -34.96
N LEU B 183 28.44 -2.92 -34.72
CA LEU B 183 28.36 -3.51 -33.39
C LEU B 183 29.71 -3.59 -32.67
N PRO B 184 30.83 -3.89 -33.36
CA PRO B 184 32.12 -3.87 -32.64
C PRO B 184 32.45 -2.52 -32.04
N VAL B 185 32.19 -1.42 -32.77
CA VAL B 185 32.43 -0.10 -32.22
C VAL B 185 31.45 0.19 -31.09
N MET B 186 30.16 -0.08 -31.34
CA MET B 186 29.16 0.07 -30.28
C MET B 186 29.58 -0.63 -29.00
N CYS B 187 30.08 -1.87 -29.12
CA CYS B 187 30.51 -2.60 -27.93
C CYS B 187 31.78 -1.99 -27.34
N ASP B 188 32.87 -1.98 -28.12
CA ASP B 188 34.10 -1.29 -27.76
C ASP B 188 33.87 0.07 -27.13
N ARG B 189 33.04 0.89 -27.77
CA ARG B 189 32.84 2.24 -27.26
C ARG B 189 31.97 2.23 -26.00
N ALA B 190 30.92 1.40 -25.96
CA ALA B 190 30.13 1.34 -24.73
C ALA B 190 30.89 0.69 -23.59
N GLY B 191 32.05 0.10 -23.87
CA GLY B 191 32.80 -0.61 -22.85
C GLY B 191 32.39 -2.04 -22.65
N PHE B 192 31.65 -2.63 -23.59
CA PHE B 192 31.26 -4.03 -23.51
C PHE B 192 32.34 -4.90 -24.15
N ILE B 193 32.47 -6.16 -23.69
CA ILE B 193 33.11 -7.18 -24.49
C ILE B 193 32.60 -7.24 -25.92
N GLN B 194 33.55 -7.44 -26.83
CA GLN B 194 33.29 -7.80 -28.22
C GLN B 194 32.36 -8.99 -28.33
N ASP B 195 31.59 -8.99 -29.41
CA ASP B 195 30.59 -10.02 -29.68
C ASP B 195 29.55 -10.05 -28.55
N THR B 196 29.03 -8.88 -28.19
CA THR B 196 27.91 -8.78 -27.28
C THR B 196 26.62 -8.59 -28.06
N SER B 197 25.55 -9.19 -27.57
CA SER B 197 24.26 -9.09 -28.24
C SER B 197 23.67 -7.71 -28.00
N LEU B 198 23.28 -7.04 -29.08
CA LEU B 198 22.81 -5.65 -29.00
C LEU B 198 21.44 -5.50 -29.65
N ILE B 199 20.79 -4.39 -29.32
CA ILE B 199 19.51 -4.03 -29.91
C ILE B 199 19.60 -2.57 -30.35
N LEU B 200 19.21 -2.32 -31.59
CA LEU B 200 19.52 -1.08 -32.28
C LEU B 200 18.23 -0.42 -32.77
N TYR B 201 18.06 0.84 -32.39
CA TYR B 201 16.99 1.71 -32.87
C TYR B 201 17.60 2.98 -33.43
N GLU B 202 16.81 3.70 -34.22
CA GLU B 202 17.18 5.03 -34.71
C GLU B 202 16.36 6.04 -33.93
N GLU B 203 17.03 6.84 -33.10
CA GLU B 203 16.34 7.94 -32.45
C GLU B 203 15.94 8.94 -33.51
N VAL B 204 14.79 8.72 -34.14
CA VAL B 204 14.30 9.63 -35.16
C VAL B 204 14.05 10.98 -34.52
N LYS B 205 12.98 11.06 -33.77
CA LYS B 205 12.42 12.26 -33.19
C LYS B 205 11.91 11.84 -31.83
N PRO B 206 11.39 12.73 -30.99
CA PRO B 206 10.75 12.25 -29.76
C PRO B 206 9.65 11.24 -30.06
N ASN B 207 9.55 10.24 -29.18
CA ASN B 207 8.56 9.17 -29.21
C ASN B 207 8.87 8.17 -30.33
N LEU B 208 9.16 8.68 -31.53
CA LEU B 208 9.70 7.85 -32.59
C LEU B 208 11.11 7.36 -32.23
N THR B 209 11.26 6.04 -32.27
CA THR B 209 12.48 5.30 -31.97
C THR B 209 12.36 3.94 -32.64
N GLU B 210 12.09 3.98 -33.94
CA GLU B 210 12.11 2.82 -34.82
C GLU B 210 13.30 1.89 -34.57
N ARG B 211 13.00 0.74 -33.96
CA ARG B 211 13.89 -0.40 -33.95
C ARG B 211 14.39 -0.75 -35.34
N ILE B 212 15.66 -1.14 -35.40
CA ILE B 212 16.27 -1.72 -36.59
C ILE B 212 16.13 -3.23 -36.50
N GLN B 213 15.42 -3.82 -37.46
CA GLN B 213 15.20 -5.27 -37.46
C GLN B 213 16.40 -6.04 -37.99
N ASP B 214 16.75 -5.84 -39.24
CA ASP B 214 17.70 -6.73 -39.89
C ASP B 214 19.06 -6.05 -39.78
N TYR B 215 20.01 -6.69 -39.09
CA TYR B 215 21.30 -6.02 -39.01
C TYR B 215 22.18 -6.31 -40.23
N ASP B 216 21.73 -7.14 -41.18
CA ASP B 216 22.50 -7.48 -42.36
C ASP B 216 22.20 -6.59 -43.58
N VAL B 217 21.55 -5.45 -43.39
CA VAL B 217 21.27 -4.52 -44.49
C VAL B 217 22.36 -3.45 -44.48
N SER B 218 22.38 -2.61 -45.52
CA SER B 218 23.31 -1.48 -45.41
C SER B 218 22.67 -0.40 -44.54
N LEU B 219 23.52 0.53 -44.05
CA LEU B 219 22.99 1.65 -43.29
C LEU B 219 21.91 2.34 -44.08
N ASP B 220 22.17 2.44 -45.37
CA ASP B 220 21.40 3.22 -46.31
C ASP B 220 19.97 2.75 -46.27
N LYS B 221 19.82 1.44 -46.19
CA LYS B 221 18.58 0.68 -46.27
C LYS B 221 17.85 0.64 -44.93
N ALA B 222 18.55 0.23 -43.85
CA ALA B 222 17.93 0.22 -42.52
C ALA B 222 17.36 1.57 -42.12
N LEU B 223 18.22 2.57 -41.95
CA LEU B 223 17.75 3.91 -41.64
C LEU B 223 16.99 4.50 -42.82
N ASP B 224 15.71 4.76 -42.60
CA ASP B 224 14.94 5.59 -43.52
C ASP B 224 15.47 7.02 -43.49
N GLU B 225 15.70 7.57 -44.68
CA GLU B 225 16.10 8.97 -44.86
C GLU B 225 17.43 9.23 -44.16
N LEU B 226 18.46 8.50 -44.59
CA LEU B 226 19.76 8.59 -43.92
C LEU B 226 20.44 9.90 -44.27
N MET B 227 21.15 10.47 -43.29
CA MET B 227 21.66 11.83 -43.34
C MET B 227 22.80 11.95 -42.34
N ASP B 228 23.78 12.77 -42.69
CA ASP B 228 24.79 13.15 -41.72
C ASP B 228 24.10 13.72 -40.49
N GLY B 229 24.34 13.13 -39.32
CA GLY B 229 23.70 13.62 -38.11
C GLY B 229 22.57 12.76 -37.58
N ASP B 230 22.21 11.68 -38.27
CA ASP B 230 21.29 10.73 -37.67
C ASP B 230 21.94 10.02 -36.48
N ILE B 231 21.12 9.30 -35.73
CA ILE B 231 21.45 8.85 -34.39
C ILE B 231 20.96 7.42 -34.20
N ILE B 232 21.86 6.52 -33.86
CA ILE B 232 21.53 5.16 -33.44
C ILE B 232 21.71 5.03 -31.95
N VAL B 233 20.72 4.44 -31.29
CA VAL B 233 20.76 4.10 -29.87
C VAL B 233 20.85 2.58 -29.76
N PHE B 234 21.84 2.09 -29.02
CA PHE B 234 21.99 0.66 -28.85
C PHE B 234 21.99 0.33 -27.37
N GLN B 235 21.49 -0.87 -27.05
CA GLN B 235 21.44 -1.36 -25.69
C GLN B 235 21.80 -2.84 -25.71
N LYS B 236 22.29 -3.34 -24.58
CA LYS B 236 22.56 -4.76 -24.49
C LYS B 236 21.28 -5.57 -24.70
N ASP B 237 21.46 -6.78 -25.22
CA ASP B 237 20.37 -7.75 -25.27
C ASP B 237 20.56 -8.69 -24.09
N ASP B 238 19.97 -8.31 -22.96
CA ASP B 238 20.06 -9.07 -21.72
C ASP B 238 18.64 -9.34 -21.24
N PRO B 239 18.35 -10.54 -20.73
CA PRO B 239 17.08 -10.71 -20.02
C PRO B 239 16.90 -9.72 -18.88
N GLU B 240 17.94 -9.51 -18.05
CA GLU B 240 17.82 -8.67 -16.85
C GLU B 240 17.26 -7.28 -17.15
N ASN B 241 17.28 -6.87 -18.42
CA ASN B 241 16.69 -5.61 -18.89
C ASN B 241 15.19 -5.48 -18.63
N ASP B 242 14.45 -6.59 -18.55
CA ASP B 242 13.02 -6.52 -18.29
C ASP B 242 12.69 -6.00 -16.90
N ASN B 243 13.71 -5.82 -16.06
CA ASN B 243 13.51 -5.54 -14.65
C ASN B 243 13.01 -4.11 -14.45
N SER B 244 13.87 -3.16 -14.78
CA SER B 244 13.61 -1.77 -14.45
C SER B 244 12.48 -1.21 -15.30
N GLU B 245 11.93 -0.10 -14.85
CA GLU B 245 10.73 0.48 -15.44
C GLU B 245 10.73 0.58 -16.96
N LEU B 246 11.87 0.92 -17.56
CA LEU B 246 11.95 1.05 -19.02
C LEU B 246 13.00 0.10 -19.56
N PRO B 247 12.61 -1.13 -19.93
CA PRO B 247 13.57 -2.03 -20.58
C PRO B 247 14.14 -1.46 -21.87
N THR B 248 13.28 -1.21 -22.85
CA THR B 248 13.76 -0.73 -24.14
C THR B 248 14.21 0.73 -24.05
N ALA B 249 14.97 1.16 -25.06
CA ALA B 249 15.27 2.58 -25.17
C ALA B 249 14.13 3.33 -25.83
N LYS B 250 13.37 2.67 -26.71
CA LYS B 250 12.19 3.31 -27.30
C LYS B 250 11.24 3.74 -26.21
N GLU B 251 11.00 2.86 -25.23
CA GLU B 251 10.24 3.21 -24.05
C GLU B 251 10.86 4.40 -23.33
N TYR B 252 12.17 4.32 -23.03
CA TYR B 252 12.86 5.44 -22.39
C TYR B 252 12.48 6.75 -23.05
N PHE B 253 12.41 6.77 -24.39
CA PHE B 253 12.11 8.03 -25.06
C PHE B 253 10.65 8.44 -24.93
N ARG B 254 9.76 7.49 -24.65
CA ARG B 254 8.37 7.83 -24.33
C ARG B 254 8.28 8.53 -22.97
N ASP B 255 8.77 7.87 -21.92
CA ASP B 255 8.80 8.48 -20.58
C ASP B 255 9.34 9.91 -20.63
N LEU B 256 10.49 10.08 -21.31
CA LEU B 256 11.10 11.40 -21.48
C LEU B 256 10.16 12.35 -22.21
N TYR B 257 9.42 11.84 -23.19
CA TYR B 257 8.47 12.67 -23.93
C TYR B 257 7.39 13.24 -23.02
N HIS B 258 6.80 12.39 -22.19
CA HIS B 258 5.69 12.82 -21.35
C HIS B 258 6.16 13.31 -19.99
N ARG B 259 7.41 13.06 -19.62
CA ARG B 259 8.04 13.67 -18.46
C ARG B 259 7.52 15.08 -18.22
N VAL B 260 7.08 15.32 -16.98
CA VAL B 260 6.61 16.63 -16.56
C VAL B 260 6.88 16.78 -15.07
N ASP B 261 7.50 17.91 -14.76
CA ASP B 261 7.94 18.30 -13.43
C ASP B 261 6.89 19.26 -12.88
N VAL B 262 6.27 18.89 -11.77
CA VAL B 262 5.11 19.60 -11.24
C VAL B 262 5.44 19.96 -9.80
N ILE B 263 4.94 21.11 -9.36
CA ILE B 263 5.30 21.64 -8.05
C ILE B 263 4.18 21.28 -7.07
N PHE B 264 4.55 20.71 -5.92
CA PHE B 264 3.56 20.19 -4.97
C PHE B 264 3.64 20.96 -3.65
N CYS B 265 2.75 21.94 -3.52
CA CYS B 265 2.72 22.87 -2.39
C CYS B 265 1.71 22.39 -1.36
N ASP B 266 2.17 22.11 -0.15
CA ASP B 266 1.23 21.87 0.94
C ASP B 266 0.36 23.10 1.12
N LYS B 267 -0.96 22.89 1.21
CA LYS B 267 -1.85 24.03 1.36
C LYS B 267 -1.95 24.49 2.82
N THR B 268 -1.60 23.64 3.79
CA THR B 268 -1.69 24.08 5.17
C THR B 268 -0.69 25.18 5.47
N ILE B 269 0.18 25.48 4.51
CA ILE B 269 1.19 26.52 4.65
C ILE B 269 1.09 27.39 3.41
N PRO B 270 0.20 28.38 3.38
CA PRO B 270 0.23 29.36 2.30
C PRO B 270 1.62 29.99 2.23
N ASN B 271 2.03 30.32 0.99
CA ASN B 271 3.40 30.71 0.71
C ASN B 271 4.37 29.61 1.14
N ASP B 272 4.17 28.43 0.57
CA ASP B 272 5.12 27.34 0.67
C ASP B 272 5.55 27.00 -0.75
N PRO B 273 6.83 27.13 -1.09
CA PRO B 273 7.26 26.80 -2.45
C PRO B 273 7.20 25.32 -2.76
N GLY B 274 7.25 24.46 -1.74
CA GLY B 274 7.04 23.05 -1.99
C GLY B 274 8.25 22.41 -2.64
N PHE B 275 7.99 21.57 -3.65
CA PHE B 275 9.06 20.79 -4.23
C PHE B 275 8.63 20.41 -5.63
N VAL B 276 9.61 20.19 -6.51
CA VAL B 276 9.34 19.66 -7.85
C VAL B 276 9.43 18.14 -7.80
N VAL B 277 8.55 17.48 -8.57
CA VAL B 277 8.58 16.03 -8.75
C VAL B 277 8.27 15.75 -10.20
N THR B 278 8.88 14.71 -10.76
CA THR B 278 8.77 14.42 -12.18
C THR B 278 7.77 13.29 -12.40
N LEU B 279 6.91 13.48 -13.41
CA LEU B 279 5.74 12.63 -13.60
C LEU B 279 5.45 12.60 -15.09
N SER B 280 4.64 11.65 -15.53
CA SER B 280 4.35 11.50 -16.95
C SER B 280 2.89 11.87 -17.22
N ASN B 281 2.67 12.66 -18.29
CA ASN B 281 1.34 13.14 -18.68
C ASN B 281 0.38 12.04 -19.07
N ARG B 282 0.69 10.79 -18.70
CA ARG B 282 -0.19 9.65 -18.94
C ARG B 282 -0.46 8.88 -17.66
N MET B 283 -0.17 9.49 -16.50
CA MET B 283 -0.33 8.83 -15.22
C MET B 283 -1.73 9.03 -14.67
N ASN B 284 -2.29 7.96 -14.11
CA ASN B 284 -3.66 8.00 -13.64
C ASN B 284 -3.56 8.50 -12.19
N TYR B 285 -4.68 8.59 -11.47
CA TYR B 285 -4.57 9.03 -10.08
C TYR B 285 -3.57 8.18 -9.30
N PHE B 286 -3.74 6.85 -9.36
CA PHE B 286 -3.01 5.93 -8.48
C PHE B 286 -1.52 6.18 -8.55
N GLN B 287 -1.02 6.38 -9.76
CA GLN B 287 0.39 6.60 -9.99
C GLN B 287 0.88 7.89 -9.33
N VAL B 288 0.15 9.00 -9.55
CA VAL B 288 0.58 10.29 -9.03
C VAL B 288 0.56 10.27 -7.51
N ALA B 289 -0.44 9.60 -6.93
CA ALA B 289 -0.50 9.46 -5.49
C ALA B 289 0.64 8.60 -4.97
N LYS B 290 0.82 7.40 -5.53
CA LYS B 290 1.88 6.53 -5.07
C LYS B 290 3.26 7.16 -5.26
N THR B 291 3.46 7.85 -6.39
CA THR B 291 4.73 8.53 -6.62
C THR B 291 4.97 9.59 -5.57
N VAL B 292 4.00 10.47 -5.35
CA VAL B 292 4.17 11.53 -4.37
C VAL B 292 4.11 10.98 -2.96
N ALA B 293 3.37 9.89 -2.74
CA ALA B 293 3.30 9.32 -1.40
C ALA B 293 4.57 8.57 -1.05
N GLN B 294 4.99 7.63 -1.90
CA GLN B 294 6.25 6.92 -1.69
C GLN B 294 7.48 7.86 -1.80
N ARG B 295 7.23 9.16 -1.91
CA ARG B 295 8.23 10.22 -1.83
C ARG B 295 8.23 10.90 -0.45
N LEU B 296 7.08 11.37 0.03
CA LEU B 296 7.05 12.06 1.31
C LEU B 296 7.04 11.12 2.49
N ASN B 297 7.28 9.83 2.21
CA ASN B 297 7.36 8.77 3.21
C ASN B 297 6.05 8.71 4.01
N THR B 298 4.97 8.38 3.30
CA THR B 298 3.60 8.36 3.83
C THR B 298 2.69 7.53 2.93
N ASP B 299 1.50 7.16 3.43
CA ASP B 299 0.62 6.38 2.58
C ASP B 299 0.05 7.32 1.51
N PRO B 300 -0.29 6.79 0.33
CA PRO B 300 -1.17 7.58 -0.55
C PRO B 300 -2.56 7.78 0.05
N MET B 301 -3.05 6.82 0.83
CA MET B 301 -4.32 6.96 1.55
C MET B 301 -4.35 8.13 2.51
N LEU B 302 -3.21 8.73 2.82
CA LEU B 302 -3.18 9.90 3.69
C LEU B 302 -2.90 11.17 2.90
N LEU B 303 -3.20 11.17 1.59
CA LEU B 303 -2.99 12.32 0.73
C LEU B 303 -4.29 12.73 0.06
N GLN B 304 -4.52 14.03 0.01
CA GLN B 304 -5.72 14.60 -0.58
C GLN B 304 -5.21 15.65 -1.57
N PHE B 305 -5.57 15.50 -2.84
CA PHE B 305 -5.09 16.42 -3.86
C PHE B 305 -6.21 17.35 -4.30
N PHE B 306 -5.83 18.52 -4.80
CA PHE B 306 -6.80 19.49 -5.28
C PHE B 306 -6.45 19.95 -6.68
N LYS B 307 -7.43 19.93 -7.57
CA LYS B 307 -7.21 20.46 -8.91
C LYS B 307 -6.87 21.95 -8.84
N SER B 308 -6.28 22.44 -9.92
CA SER B 308 -6.03 23.87 -10.05
C SER B 308 -7.34 24.60 -10.22
N GLN B 309 -7.49 25.79 -9.59
CA GLN B 309 -8.74 26.50 -9.85
C GLN B 309 -8.85 26.98 -11.29
N GLY B 310 -7.75 26.99 -12.04
CA GLY B 310 -7.83 27.41 -13.43
C GLY B 310 -7.49 28.86 -13.65
N TYR B 311 -8.31 29.77 -13.12
CA TYR B 311 -7.99 31.18 -13.21
C TYR B 311 -6.94 31.57 -12.18
N ARG B 312 -7.29 31.43 -10.91
CA ARG B 312 -6.57 32.12 -9.84
C ARG B 312 -5.37 31.26 -9.50
N ASP B 313 -4.46 31.79 -8.71
CA ASP B 313 -3.39 30.92 -8.26
C ASP B 313 -3.72 30.54 -6.82
N GLY B 314 -4.15 29.28 -6.65
CA GLY B 314 -4.71 28.76 -5.42
C GLY B 314 -5.37 27.41 -5.63
N PRO B 315 -5.55 26.65 -4.55
CA PRO B 315 -6.09 25.28 -4.68
C PRO B 315 -7.55 25.30 -5.09
N GLY B 316 -7.91 24.40 -5.99
CA GLY B 316 -9.27 24.29 -6.46
C GLY B 316 -10.05 23.17 -5.77
N ASN B 317 -11.05 22.67 -6.48
CA ASN B 317 -11.92 21.63 -5.95
C ASN B 317 -11.11 20.42 -5.51
N PRO B 318 -11.59 19.67 -4.50
CA PRO B 318 -10.88 18.46 -4.10
C PRO B 318 -10.87 17.43 -5.22
N LEU B 319 -9.89 16.53 -5.16
CA LEU B 319 -9.68 15.54 -6.22
C LEU B 319 -10.08 14.16 -5.70
N ARG B 320 -11.20 13.64 -6.21
CA ARG B 320 -11.62 12.30 -5.88
C ARG B 320 -10.56 11.30 -6.30
N HIS B 321 -10.42 10.21 -5.54
CA HIS B 321 -9.44 9.20 -5.91
C HIS B 321 -9.96 8.20 -6.92
N ASN B 322 -11.27 8.15 -7.17
CA ASN B 322 -11.79 7.40 -8.31
C ASN B 322 -11.65 8.17 -9.61
N TYR B 323 -10.85 9.22 -9.63
CA TYR B 323 -10.77 10.06 -10.83
C TYR B 323 -10.16 9.31 -11.99
N GLU B 324 -10.90 9.28 -13.10
CA GLU B 324 -10.62 8.52 -14.31
C GLU B 324 -9.75 9.26 -15.31
N GLY B 325 -9.05 10.33 -14.91
CA GLY B 325 -8.31 11.14 -15.84
C GLY B 325 -6.79 11.03 -15.69
N THR B 326 -6.10 11.60 -16.67
CA THR B 326 -4.65 11.58 -16.71
C THR B 326 -4.08 12.86 -16.12
N LEU B 327 -2.87 12.77 -15.59
CA LEU B 327 -2.19 13.97 -15.10
C LEU B 327 -2.19 15.07 -16.14
N ARG B 328 -2.02 14.71 -17.42
CA ARG B 328 -2.13 15.72 -18.47
C ARG B 328 -3.44 16.49 -18.38
N ASP B 329 -4.56 15.76 -18.21
CA ASP B 329 -5.84 16.44 -18.12
C ASP B 329 -5.86 17.40 -16.93
N LEU B 330 -5.26 17.00 -15.80
CA LEU B 330 -5.17 17.81 -14.58
C LEU B 330 -4.30 19.00 -14.70
N LEU B 331 -3.92 19.42 -15.90
CA LEU B 331 -2.92 20.46 -16.06
C LEU B 331 -3.22 21.41 -17.19
N GLN B 332 -4.18 21.09 -18.06
CA GLN B 332 -4.43 21.92 -19.24
C GLN B 332 -4.85 23.33 -18.87
N PHE B 333 -5.29 23.54 -17.61
CA PHE B 333 -5.50 24.81 -16.92
C PHE B 333 -4.20 25.59 -16.67
N PHE B 334 -3.10 25.20 -17.30
CA PHE B 334 -1.82 25.91 -17.26
C PHE B 334 -1.49 26.44 -18.64
N LYS B 335 -0.36 27.14 -18.72
CA LYS B 335 0.21 27.70 -19.94
C LYS B 335 1.63 27.20 -20.16
N PRO B 336 2.13 27.24 -21.40
CA PRO B 336 3.49 26.75 -21.67
C PRO B 336 4.55 27.40 -20.79
N ARG B 337 4.42 28.70 -20.52
CA ARG B 337 5.27 29.36 -19.54
C ARG B 337 4.94 28.94 -18.12
N GLN B 338 3.71 29.21 -17.67
CA GLN B 338 3.26 28.99 -16.28
C GLN B 338 3.87 27.72 -15.70
N PRO B 339 4.40 27.78 -14.49
CA PRO B 339 4.91 26.56 -13.86
C PRO B 339 3.77 25.63 -13.50
N LYS B 340 4.11 24.35 -13.36
CA LYS B 340 3.12 23.31 -13.06
C LYS B 340 3.05 23.13 -11.55
N LYS B 341 2.01 23.69 -10.95
CA LYS B 341 1.83 23.68 -9.51
C LYS B 341 0.58 22.87 -9.18
N LEU B 342 0.64 22.05 -8.13
CA LEU B 342 -0.54 21.32 -7.69
C LEU B 342 -0.51 21.17 -6.17
N TYR B 343 -1.63 21.45 -5.53
CA TYR B 343 -1.73 21.51 -4.09
C TYR B 343 -2.20 20.19 -3.49
N TYR B 344 -1.72 19.90 -2.29
CA TYR B 344 -2.04 18.67 -1.56
C TYR B 344 -2.16 19.01 -0.08
N GLN B 345 -2.59 18.03 0.71
CA GLN B 345 -2.56 18.16 2.16
C GLN B 345 -2.58 16.77 2.78
N GLN B 346 -2.02 16.68 3.97
CA GLN B 346 -1.88 15.40 4.65
C GLN B 346 -3.15 15.08 5.43
N LEU B 347 -3.28 13.85 5.89
CA LEU B 347 -4.49 13.47 6.59
C LEU B 347 -4.12 12.84 7.94
N LYS B 348 -5.10 12.18 8.55
CA LYS B 348 -5.07 11.70 9.94
C LYS B 348 -6.28 10.91 10.41
N ARG C 2 -17.55 -13.04 52.41
CA ARG C 2 -18.77 -12.44 51.86
C ARG C 2 -18.80 -12.51 50.33
N LYS C 3 -19.22 -13.65 49.78
CA LYS C 3 -19.49 -13.73 48.35
C LYS C 3 -20.97 -13.56 48.10
N LYS C 4 -21.30 -12.83 47.05
CA LYS C 4 -22.60 -12.19 46.96
C LYS C 4 -23.71 -13.13 46.48
N LYS C 5 -24.81 -12.53 46.05
CA LYS C 5 -25.99 -13.27 45.62
C LYS C 5 -26.64 -12.71 44.38
N ARG C 6 -26.22 -11.54 43.89
CA ARG C 6 -26.85 -10.92 42.73
C ARG C 6 -25.95 -9.82 42.20
N LYS C 7 -26.31 -9.32 41.03
CA LYS C 7 -25.44 -8.47 40.24
C LYS C 7 -26.19 -7.23 39.76
#